data_4Y83
#
_entry.id   4Y83
#
_cell.length_a   101.952
_cell.length_b   101.952
_cell.length_c   108.315
_cell.angle_alpha   90.000
_cell.angle_beta   90.000
_cell.angle_gamma   120.000
#
_symmetry.space_group_name_H-M   'P 31'
#
loop_
_entity.id
_entity.type
_entity.pdbx_description
1 polymer 'Mitogen-activated protein kinase kinase kinase 8'
2 non-polymer 5-[2-amino-5-(quinolin-3-yl)pyridin-3-yl]-1,3,4-oxadiazole-2(3H)-thione
3 water water
#
_entity_poly.entity_id   1
_entity_poly.type   'polypeptide(L)'
_entity_poly.pdbx_seq_one_letter_code
;GPSGQEVPWLSSVRYGTVEDLLAFANHISNTAKHFYGQRPQESGILLNMVITPQNGRYQIDSDVLLIPWKLTYRNIGSDF
IPRGAFGKVYLAQDIKTKKRMACKLIPVDQFKPSDVEIQACFRHENIAELYGAVLWGETVHLFMEAGEGGSVLEKLESCG
PMREFEIIWVTKHVLKGLDFLHSKKVIHHDIKPSNIVFMSTKAVLVDFGLSVQMTEDVYFPKDLRGTEIYMSPEVILCRG
HSTKADIYSLGATLIHMQTGTPPWVKRYPRSAYPSYLYIIHKQAPPLEDIADDCSPGMRELIEASLERNPNHRPRAADLL
KHEALNPPREDQ
;
_entity_poly.pdbx_strand_id   A,B,C
#
loop_
_chem_comp.id
_chem_comp.type
_chem_comp.name
_chem_comp.formula
49B non-polymer 5-[2-amino-5-(quinolin-3-yl)pyridin-3-yl]-1,3,4-oxadiazole-2(3H)-thione 'C16 H11 N5 O S'
#
# COMPACT_ATOMS: atom_id res chain seq x y z
N LEU A 10 25.95 -12.84 -41.75
CA LEU A 10 26.55 -14.13 -41.45
C LEU A 10 25.77 -15.29 -42.07
N SER A 11 26.46 -16.08 -42.94
CA SER A 11 25.91 -17.23 -43.64
C SER A 11 26.57 -18.56 -43.23
N SER A 12 27.69 -18.48 -42.47
CA SER A 12 28.44 -19.64 -41.99
C SER A 12 28.81 -19.52 -40.51
N VAL A 13 29.28 -20.63 -39.91
CA VAL A 13 29.74 -20.64 -38.51
C VAL A 13 31.23 -20.41 -38.59
N ARG A 14 31.68 -19.29 -38.00
CA ARG A 14 33.08 -18.89 -38.03
C ARG A 14 33.54 -18.33 -36.70
N TYR A 15 34.85 -18.36 -36.45
CA TYR A 15 35.46 -17.80 -35.26
C TYR A 15 35.39 -16.28 -35.39
N GLY A 16 35.21 -15.60 -34.27
CA GLY A 16 35.11 -14.16 -34.24
C GLY A 16 35.32 -13.57 -32.86
N THR A 17 35.35 -12.24 -32.81
CA THR A 17 35.53 -11.46 -31.59
C THR A 17 34.18 -11.32 -30.87
N VAL A 18 34.18 -10.73 -29.67
CA VAL A 18 32.97 -10.50 -28.86
C VAL A 18 32.06 -9.52 -29.63
N GLU A 19 32.68 -8.54 -30.29
CA GLU A 19 32.03 -7.51 -31.10
C GLU A 19 31.27 -8.15 -32.27
N ASP A 20 31.83 -9.22 -32.87
CA ASP A 20 31.24 -10.01 -33.96
C ASP A 20 30.04 -10.81 -33.44
N LEU A 21 30.17 -11.37 -32.22
CA LEU A 21 29.15 -12.18 -31.53
C LEU A 21 27.95 -11.31 -31.21
N LEU A 22 28.19 -10.14 -30.56
CA LEU A 22 27.17 -9.17 -30.17
C LEU A 22 26.41 -8.61 -31.37
N ALA A 23 27.12 -8.38 -32.49
CA ALA A 23 26.55 -7.89 -33.75
C ALA A 23 25.61 -8.94 -34.35
N PHE A 24 26.01 -10.23 -34.27
CA PHE A 24 25.23 -11.36 -34.75
C PHE A 24 23.95 -11.53 -33.92
N ALA A 25 24.06 -11.40 -32.59
CA ALA A 25 22.96 -11.51 -31.63
C ALA A 25 21.87 -10.47 -31.90
N ASN A 26 22.27 -9.22 -32.28
CA ASN A 26 21.33 -8.15 -32.60
C ASN A 26 20.65 -8.37 -33.96
N HIS A 27 21.35 -9.09 -34.88
CA HIS A 27 20.84 -9.42 -36.22
C HIS A 27 19.81 -10.54 -36.13
N ARG A 39 15.77 -21.50 -46.13
CA ARG A 39 17.00 -21.21 -45.41
C ARG A 39 17.30 -22.25 -44.30
N PRO A 40 17.75 -23.49 -44.66
CA PRO A 40 17.97 -24.52 -43.62
C PRO A 40 19.40 -24.61 -43.05
N GLN A 41 20.30 -23.69 -43.45
CA GLN A 41 21.70 -23.65 -43.01
C GLN A 41 21.92 -23.05 -41.61
N GLU A 42 23.15 -23.21 -41.09
CA GLU A 42 23.55 -22.72 -39.77
C GLU A 42 24.60 -21.62 -39.84
N SER A 43 24.38 -20.57 -39.04
CA SER A 43 25.22 -19.38 -38.93
C SER A 43 25.54 -19.13 -37.46
N GLY A 44 26.67 -18.47 -37.19
CA GLY A 44 27.06 -18.15 -35.84
C GLY A 44 28.49 -17.73 -35.64
N ILE A 45 28.79 -17.29 -34.42
CA ILE A 45 30.10 -16.83 -34.00
C ILE A 45 30.63 -17.68 -32.86
N LEU A 46 31.83 -18.24 -33.06
CA LEU A 46 32.53 -19.04 -32.07
C LEU A 46 33.62 -18.13 -31.48
N LEU A 47 33.63 -17.97 -30.15
CA LEU A 47 34.57 -17.14 -29.39
C LEU A 47 35.81 -17.94 -28.95
N ASN A 48 35.59 -19.20 -28.51
CA ASN A 48 36.65 -20.10 -28.04
C ASN A 48 37.03 -21.12 -29.09
N MET A 49 38.35 -21.41 -29.19
CA MET A 49 38.94 -22.38 -30.13
C MET A 49 38.57 -23.82 -29.79
N VAL A 50 37.91 -24.03 -28.62
CA VAL A 50 37.43 -25.32 -28.10
C VAL A 50 36.33 -25.90 -29.01
N ILE A 51 35.52 -25.03 -29.66
CA ILE A 51 34.48 -25.42 -30.61
C ILE A 51 35.13 -25.46 -32.00
N THR A 52 35.12 -26.63 -32.67
CA THR A 52 35.79 -26.83 -33.97
C THR A 52 34.83 -26.78 -35.19
N PRO A 53 34.84 -25.70 -36.01
CA PRO A 53 34.00 -25.72 -37.22
C PRO A 53 34.73 -26.36 -38.40
N GLN A 54 33.98 -26.99 -39.31
CA GLN A 54 34.51 -27.64 -40.49
C GLN A 54 33.75 -27.16 -41.72
N ASN A 55 34.42 -26.38 -42.59
CA ASN A 55 33.89 -25.78 -43.81
C ASN A 55 32.68 -24.86 -43.51
N GLY A 56 32.88 -23.95 -42.55
CA GLY A 56 31.88 -22.98 -42.09
C GLY A 56 30.60 -23.59 -41.55
N ARG A 57 30.70 -24.80 -40.96
CA ARG A 57 29.57 -25.55 -40.41
C ARG A 57 29.90 -26.14 -39.06
N TYR A 58 28.85 -26.46 -38.29
CA TYR A 58 28.91 -27.09 -36.97
C TYR A 58 27.65 -27.97 -36.79
N GLN A 59 27.64 -29.13 -37.49
CA GLN A 59 26.54 -30.09 -37.52
C GLN A 59 26.63 -31.13 -36.40
N ILE A 60 25.48 -31.65 -35.95
CA ILE A 60 25.42 -32.69 -34.92
C ILE A 60 25.83 -34.01 -35.55
N ASP A 61 26.51 -34.88 -34.77
CA ASP A 61 27.04 -36.21 -35.14
C ASP A 61 28.19 -36.15 -36.18
N SER A 62 28.49 -34.96 -36.73
CA SER A 62 29.56 -34.73 -37.70
C SER A 62 30.66 -33.85 -37.12
N ASP A 63 30.27 -32.81 -36.34
CA ASP A 63 31.16 -31.88 -35.67
C ASP A 63 31.05 -31.92 -34.14
N VAL A 64 29.82 -32.08 -33.61
CA VAL A 64 29.53 -32.15 -32.17
C VAL A 64 28.60 -33.30 -31.86
N LEU A 65 28.86 -34.00 -30.76
CA LEU A 65 28.04 -35.12 -30.34
C LEU A 65 27.28 -34.72 -29.08
N LEU A 66 25.95 -34.88 -29.08
CA LEU A 66 25.13 -34.54 -27.90
C LEU A 66 25.03 -35.75 -26.96
N ILE A 67 25.82 -35.71 -25.87
CA ILE A 67 25.89 -36.75 -24.82
C ILE A 67 24.91 -36.46 -23.66
N PRO A 68 24.51 -37.46 -22.85
CA PRO A 68 23.57 -37.17 -21.78
C PRO A 68 24.22 -36.62 -20.51
N TRP A 69 23.47 -35.83 -19.74
CA TRP A 69 23.87 -35.26 -18.44
C TRP A 69 23.81 -36.39 -17.43
N LYS A 70 24.67 -36.35 -16.40
CA LYS A 70 24.65 -37.41 -15.38
C LYS A 70 23.92 -36.92 -14.16
N LEU A 71 22.85 -37.64 -13.77
CA LEU A 71 22.07 -37.33 -12.58
C LEU A 71 22.66 -38.16 -11.44
N THR A 72 23.78 -37.65 -10.89
CA THR A 72 24.61 -38.26 -9.84
C THR A 72 23.80 -38.87 -8.71
N TYR A 73 22.88 -38.09 -8.14
CA TYR A 73 22.09 -38.53 -7.01
C TYR A 73 20.82 -39.31 -7.39
N ARG A 74 20.68 -39.69 -8.69
CA ARG A 74 19.53 -40.43 -9.22
C ARG A 74 19.91 -41.73 -9.96
N ASN A 75 21.23 -41.97 -10.13
CA ASN A 75 21.80 -43.17 -10.79
C ASN A 75 21.36 -43.33 -12.26
N ILE A 76 20.67 -42.34 -12.79
CA ILE A 76 20.23 -42.26 -14.20
C ILE A 76 20.87 -41.04 -14.88
N GLY A 77 20.57 -40.89 -16.17
CA GLY A 77 21.04 -39.79 -17.00
C GLY A 77 19.87 -39.06 -17.65
N SER A 78 20.13 -37.87 -18.19
CA SER A 78 19.11 -37.06 -18.85
C SER A 78 19.69 -36.38 -20.08
N ASP A 79 18.99 -36.50 -21.23
CA ASP A 79 19.40 -35.88 -22.49
C ASP A 79 19.47 -34.37 -22.35
N PHE A 80 18.52 -33.77 -21.61
CA PHE A 80 18.50 -32.33 -21.39
C PHE A 80 17.84 -31.93 -20.09
N ILE A 81 18.18 -30.73 -19.61
CA ILE A 81 17.61 -30.15 -18.41
C ILE A 81 16.67 -29.01 -18.83
N PRO A 82 15.39 -29.05 -18.41
CA PRO A 82 14.46 -27.97 -18.77
C PRO A 82 14.77 -26.69 -17.99
N ARG A 83 14.84 -25.56 -18.71
CA ARG A 83 15.16 -24.24 -18.18
C ARG A 83 14.05 -23.26 -18.57
N GLY A 84 13.06 -23.14 -17.69
CA GLY A 84 11.88 -22.31 -17.91
C GLY A 84 10.98 -23.00 -18.92
N ALA A 85 10.53 -22.25 -19.93
CA ALA A 85 9.69 -22.77 -21.01
C ALA A 85 10.42 -22.65 -22.35
N PHE A 86 11.08 -21.51 -22.58
CA PHE A 86 11.82 -21.25 -23.82
C PHE A 86 13.32 -21.51 -23.63
N GLY A 87 13.63 -22.62 -22.96
CA GLY A 87 15.00 -23.06 -22.73
C GLY A 87 15.16 -24.48 -22.26
N LYS A 88 16.13 -25.20 -22.86
CA LYS A 88 16.51 -26.58 -22.55
C LYS A 88 18.05 -26.69 -22.70
N VAL A 89 18.76 -27.20 -21.68
CA VAL A 89 20.21 -27.32 -21.73
C VAL A 89 20.62 -28.77 -21.99
N TYR A 90 21.30 -28.99 -23.14
CA TYR A 90 21.84 -30.27 -23.57
C TYR A 90 23.32 -30.35 -23.18
N LEU A 91 23.92 -31.53 -23.28
CA LEU A 91 25.35 -31.66 -22.98
C LEU A 91 26.05 -32.07 -24.28
N ALA A 92 26.82 -31.14 -24.86
CA ALA A 92 27.54 -31.37 -26.13
C ALA A 92 29.05 -31.63 -25.96
N GLN A 93 29.61 -32.40 -26.88
CA GLN A 93 31.03 -32.72 -26.89
C GLN A 93 31.60 -32.52 -28.28
N ASP A 94 32.60 -31.62 -28.40
CA ASP A 94 33.27 -31.35 -29.67
C ASP A 94 34.09 -32.59 -29.99
N ILE A 95 33.69 -33.35 -31.04
CA ILE A 95 34.37 -34.58 -31.48
C ILE A 95 35.87 -34.38 -31.75
N LYS A 96 36.32 -33.14 -32.08
CA LYS A 96 37.73 -32.88 -32.35
C LYS A 96 38.57 -32.68 -31.07
N THR A 97 38.25 -31.65 -30.26
CA THR A 97 38.97 -31.30 -29.03
C THR A 97 38.54 -32.15 -27.81
N LYS A 98 37.46 -32.95 -27.95
CA LYS A 98 36.85 -33.81 -26.92
C LYS A 98 36.31 -32.96 -25.74
N LYS A 99 36.21 -31.64 -25.92
CA LYS A 99 35.74 -30.69 -24.93
C LYS A 99 34.23 -30.80 -24.70
N ARG A 100 33.81 -30.87 -23.41
CA ARG A 100 32.41 -30.96 -23.01
C ARG A 100 31.89 -29.58 -22.72
N MET A 101 30.78 -29.22 -23.36
CA MET A 101 30.13 -27.92 -23.23
C MET A 101 28.66 -28.14 -23.02
N ALA A 102 28.00 -27.21 -22.36
CA ALA A 102 26.57 -27.22 -22.21
C ALA A 102 26.03 -26.55 -23.46
N CYS A 103 24.88 -27.00 -23.95
CA CYS A 103 24.27 -26.40 -25.13
C CYS A 103 22.83 -25.95 -24.81
N LYS A 104 22.63 -24.64 -24.63
CA LYS A 104 21.32 -24.07 -24.32
C LYS A 104 20.60 -23.72 -25.62
N LEU A 105 19.38 -24.24 -25.77
CA LEU A 105 18.55 -23.97 -26.95
C LEU A 105 17.47 -22.97 -26.57
N ILE A 106 17.54 -21.77 -27.16
CA ILE A 106 16.63 -20.64 -26.93
C ILE A 106 15.98 -20.29 -28.26
N PRO A 107 14.64 -20.37 -28.42
CA PRO A 107 14.04 -20.05 -29.73
C PRO A 107 14.21 -18.58 -30.12
N VAL A 108 14.36 -18.32 -31.44
CA VAL A 108 14.55 -16.99 -32.02
C VAL A 108 13.54 -15.97 -31.49
N ASP A 109 12.24 -16.36 -31.43
CA ASP A 109 11.14 -15.55 -30.94
C ASP A 109 11.33 -15.07 -29.50
N GLN A 110 11.86 -15.95 -28.63
CA GLN A 110 12.11 -15.64 -27.23
C GLN A 110 13.56 -15.21 -26.96
N PHE A 111 14.43 -15.19 -28.01
CA PHE A 111 15.83 -14.83 -27.87
C PHE A 111 16.05 -13.34 -27.58
N LYS A 112 16.82 -13.06 -26.51
CA LYS A 112 17.17 -11.72 -26.05
C LYS A 112 18.69 -11.52 -26.10
N PRO A 113 19.18 -10.28 -26.36
CA PRO A 113 20.63 -10.03 -26.38
C PRO A 113 21.32 -10.21 -25.03
N SER A 114 20.54 -10.07 -23.92
CA SER A 114 20.99 -10.23 -22.53
C SER A 114 21.54 -11.63 -22.28
N ASP A 115 21.00 -12.64 -23.01
CA ASP A 115 21.38 -14.05 -22.93
C ASP A 115 22.82 -14.33 -23.39
N VAL A 116 23.44 -13.38 -24.13
CA VAL A 116 24.81 -13.52 -24.62
C VAL A 116 25.73 -12.39 -24.12
N GLU A 117 25.19 -11.15 -23.98
CA GLU A 117 25.92 -9.91 -23.60
C GLU A 117 26.87 -10.04 -22.39
N ILE A 118 26.35 -10.34 -21.18
CA ILE A 118 27.17 -10.45 -19.96
C ILE A 118 28.24 -11.56 -20.08
N GLN A 119 27.84 -12.78 -20.47
CA GLN A 119 28.76 -13.91 -20.61
C GLN A 119 29.85 -13.72 -21.70
N ALA A 120 29.53 -13.00 -22.79
CA ALA A 120 30.50 -12.73 -23.87
C ALA A 120 31.55 -11.73 -23.40
N CYS A 121 31.10 -10.63 -22.79
CA CYS A 121 31.96 -9.55 -22.33
C CYS A 121 32.73 -9.86 -21.06
N PHE A 122 32.05 -10.37 -20.03
CA PHE A 122 32.69 -10.52 -18.73
C PHE A 122 33.05 -11.94 -18.36
N ARG A 123 34.35 -12.24 -18.38
CA ARG A 123 34.90 -13.54 -18.04
C ARG A 123 35.45 -13.59 -16.63
N HIS A 124 35.03 -14.62 -15.88
CA HIS A 124 35.48 -14.88 -14.51
C HIS A 124 35.33 -16.36 -14.20
N GLU A 125 36.20 -16.88 -13.31
CA GLU A 125 36.24 -18.26 -12.84
C GLU A 125 34.87 -18.75 -12.31
N ASN A 126 34.04 -17.84 -11.77
CA ASN A 126 32.75 -18.22 -11.21
C ASN A 126 31.55 -17.72 -12.03
N ILE A 127 31.76 -17.56 -13.35
CA ILE A 127 30.73 -17.19 -14.34
C ILE A 127 30.91 -18.17 -15.51
N ALA A 128 29.85 -18.89 -15.91
CA ALA A 128 29.93 -19.88 -17.01
C ALA A 128 30.29 -19.20 -18.35
N GLU A 129 31.51 -19.47 -18.83
CA GLU A 129 32.06 -18.86 -20.04
C GLU A 129 31.24 -19.23 -21.27
N LEU A 130 30.91 -18.24 -22.12
CA LEU A 130 30.20 -18.49 -23.38
C LEU A 130 31.25 -18.78 -24.43
N TYR A 131 31.21 -20.00 -25.00
CA TYR A 131 32.17 -20.44 -26.02
C TYR A 131 31.77 -20.04 -27.44
N GLY A 132 30.46 -20.02 -27.71
CA GLY A 132 29.92 -19.66 -29.01
C GLY A 132 28.41 -19.65 -29.08
N ALA A 133 27.86 -19.06 -30.14
CA ALA A 133 26.43 -18.97 -30.41
C ALA A 133 26.19 -19.41 -31.84
N VAL A 134 25.32 -20.41 -32.04
CA VAL A 134 25.01 -20.93 -33.38
C VAL A 134 23.51 -20.95 -33.60
N LEU A 135 23.03 -20.27 -34.65
CA LEU A 135 21.63 -20.22 -35.04
C LEU A 135 21.37 -21.26 -36.12
N TRP A 136 20.46 -22.20 -35.84
CA TRP A 136 20.07 -23.25 -36.76
C TRP A 136 18.57 -23.44 -36.67
N GLY A 137 17.89 -23.17 -37.79
CA GLY A 137 16.44 -23.25 -37.89
C GLY A 137 15.79 -22.09 -37.17
N GLU A 138 14.93 -22.39 -36.19
CA GLU A 138 14.23 -21.39 -35.39
C GLU A 138 14.80 -21.26 -33.99
N THR A 139 15.87 -22.02 -33.66
CA THR A 139 16.49 -22.01 -32.34
C THR A 139 17.94 -21.55 -32.34
N VAL A 140 18.35 -20.88 -31.25
CA VAL A 140 19.69 -20.38 -31.02
C VAL A 140 20.38 -21.33 -30.03
N HIS A 141 21.50 -21.93 -30.44
CA HIS A 141 22.30 -22.85 -29.63
C HIS A 141 23.47 -22.10 -29.00
N LEU A 142 23.43 -21.91 -27.68
CA LEU A 142 24.49 -21.24 -26.95
C LEU A 142 25.39 -22.27 -26.28
N PHE A 143 26.60 -22.43 -26.82
CA PHE A 143 27.59 -23.37 -26.28
C PHE A 143 28.36 -22.64 -25.19
N MET A 144 28.37 -23.20 -23.98
CA MET A 144 29.03 -22.59 -22.84
C MET A 144 29.55 -23.62 -21.84
N GLU A 145 30.28 -23.17 -20.79
CA GLU A 145 30.87 -24.02 -19.74
C GLU A 145 29.82 -24.94 -19.11
N ALA A 146 30.08 -26.25 -19.12
CA ALA A 146 29.13 -27.21 -18.61
C ALA A 146 29.36 -27.57 -17.16
N GLY A 147 28.36 -27.28 -16.33
CA GLY A 147 28.37 -27.62 -14.93
C GLY A 147 27.95 -29.07 -14.81
N GLU A 148 28.90 -29.99 -15.06
CA GLU A 148 28.65 -31.43 -15.09
C GLU A 148 28.21 -32.05 -13.76
N GLY A 149 28.49 -31.38 -12.65
CA GLY A 149 28.07 -31.81 -11.32
C GLY A 149 26.60 -31.51 -11.05
N GLY A 150 25.97 -30.77 -11.96
CA GLY A 150 24.56 -30.40 -11.85
C GLY A 150 24.32 -29.04 -11.19
N SER A 151 23.03 -28.75 -10.86
CA SER A 151 22.65 -27.48 -10.22
C SER A 151 22.51 -27.67 -8.73
N VAL A 152 22.58 -26.57 -7.96
CA VAL A 152 22.43 -26.63 -6.50
C VAL A 152 20.99 -27.09 -6.17
N LEU A 153 20.00 -26.76 -7.04
CA LEU A 153 18.61 -27.19 -6.90
C LEU A 153 18.47 -28.70 -6.99
N GLU A 154 19.19 -29.34 -7.94
CA GLU A 154 19.20 -30.79 -8.14
C GLU A 154 19.72 -31.53 -6.91
N LYS A 155 20.83 -31.06 -6.29
CA LYS A 155 21.40 -31.65 -5.08
C LYS A 155 20.38 -31.58 -3.96
N LEU A 156 19.80 -30.39 -3.73
CA LEU A 156 18.79 -30.16 -2.67
C LEU A 156 17.56 -31.02 -2.85
N GLU A 157 17.04 -31.10 -4.09
CA GLU A 157 15.87 -31.91 -4.40
C GLU A 157 16.10 -33.42 -4.24
N SER A 158 17.23 -33.93 -4.76
CA SER A 158 17.56 -35.35 -4.71
C SER A 158 18.18 -35.82 -3.38
N CYS A 159 18.72 -34.90 -2.54
CA CYS A 159 19.38 -35.31 -1.30
C CYS A 159 18.81 -34.71 -0.03
N GLY A 160 18.30 -33.50 -0.11
CA GLY A 160 17.78 -32.80 1.06
C GLY A 160 18.70 -31.68 1.52
N PRO A 161 18.59 -31.25 2.79
CA PRO A 161 19.48 -30.17 3.28
C PRO A 161 20.96 -30.50 3.13
N MET A 162 21.72 -29.53 2.61
CA MET A 162 23.15 -29.64 2.43
C MET A 162 23.88 -29.49 3.78
N ARG A 163 25.11 -29.97 3.85
CA ARG A 163 25.92 -29.84 5.06
C ARG A 163 26.53 -28.45 5.09
N GLU A 164 26.76 -27.88 6.30
CA GLU A 164 27.35 -26.55 6.50
C GLU A 164 28.60 -26.31 5.66
N PHE A 165 29.51 -27.33 5.55
CA PHE A 165 30.73 -27.23 4.74
C PHE A 165 30.42 -26.98 3.25
N GLU A 166 29.50 -27.77 2.65
CA GLU A 166 29.09 -27.65 1.26
C GLU A 166 28.45 -26.29 1.03
N ILE A 167 27.64 -25.83 1.99
CA ILE A 167 27.03 -24.50 1.93
C ILE A 167 28.13 -23.43 1.90
N ILE A 168 29.08 -23.46 2.88
CA ILE A 168 30.21 -22.52 2.93
C ILE A 168 31.03 -22.52 1.61
N TRP A 169 31.32 -23.71 1.04
CA TRP A 169 32.07 -23.96 -0.21
C TRP A 169 31.42 -23.29 -1.42
N VAL A 170 30.12 -23.56 -1.66
CA VAL A 170 29.30 -23.06 -2.76
C VAL A 170 29.20 -21.54 -2.67
N THR A 171 28.86 -21.03 -1.46
CA THR A 171 28.64 -19.60 -1.20
C THR A 171 29.90 -18.79 -1.50
N LYS A 172 31.09 -19.30 -1.12
CA LYS A 172 32.36 -18.63 -1.38
C LYS A 172 32.60 -18.49 -2.87
N HIS A 173 32.09 -19.44 -3.69
CA HIS A 173 32.20 -19.38 -5.16
C HIS A 173 31.24 -18.36 -5.76
N VAL A 174 29.94 -18.41 -5.36
CA VAL A 174 28.89 -17.48 -5.79
C VAL A 174 29.28 -16.03 -5.44
N LEU A 175 29.75 -15.81 -4.19
CA LEU A 175 30.17 -14.49 -3.69
C LEU A 175 31.33 -13.89 -4.51
N LYS A 176 32.24 -14.75 -5.00
CA LYS A 176 33.34 -14.35 -5.87
C LYS A 176 32.84 -14.01 -7.28
N GLY A 177 31.72 -14.61 -7.68
CA GLY A 177 31.06 -14.33 -8.96
C GLY A 177 30.33 -13.01 -8.90
N LEU A 178 29.54 -12.79 -7.83
CA LEU A 178 28.77 -11.58 -7.57
C LEU A 178 29.66 -10.35 -7.35
N ASP A 179 30.77 -10.46 -6.58
CA ASP A 179 31.72 -9.36 -6.35
C ASP A 179 32.25 -8.84 -7.69
N PHE A 180 32.57 -9.77 -8.62
CA PHE A 180 33.05 -9.46 -9.97
C PHE A 180 31.94 -8.75 -10.77
N LEU A 181 30.73 -9.36 -10.85
CA LEU A 181 29.60 -8.79 -11.59
C LEU A 181 29.23 -7.39 -11.08
N HIS A 182 29.18 -7.21 -9.76
CA HIS A 182 28.82 -5.95 -9.14
C HIS A 182 29.90 -4.87 -9.31
N SER A 183 31.18 -5.28 -9.52
CA SER A 183 32.30 -4.38 -9.80
C SER A 183 32.14 -3.82 -11.23
N LYS A 184 31.43 -4.58 -12.11
CA LYS A 184 31.10 -4.24 -13.50
C LYS A 184 29.71 -3.58 -13.56
N LYS A 185 29.15 -3.23 -12.36
CA LYS A 185 27.84 -2.59 -12.16
C LYS A 185 26.68 -3.42 -12.77
N VAL A 186 26.80 -4.76 -12.67
CA VAL A 186 25.84 -5.75 -13.22
C VAL A 186 25.02 -6.46 -12.13
N ILE A 187 23.69 -6.45 -12.28
CA ILE A 187 22.75 -7.15 -11.38
C ILE A 187 22.30 -8.39 -12.14
N HIS A 188 22.60 -9.57 -11.60
CA HIS A 188 22.24 -10.86 -12.20
C HIS A 188 20.72 -10.97 -12.38
N HIS A 189 19.94 -10.59 -11.32
CA HIS A 189 18.47 -10.55 -11.22
C HIS A 189 17.81 -11.93 -11.00
N ASP A 190 18.59 -13.02 -10.95
CA ASP A 190 18.04 -14.37 -10.76
C ASP A 190 19.00 -15.34 -10.04
N ILE A 191 19.51 -14.93 -8.88
CA ILE A 191 20.36 -15.81 -8.08
C ILE A 191 19.41 -16.75 -7.31
N LYS A 192 19.44 -18.04 -7.66
CA LYS A 192 18.61 -19.08 -7.04
C LYS A 192 19.32 -20.45 -7.14
N PRO A 193 19.00 -21.47 -6.31
CA PRO A 193 19.70 -22.77 -6.42
C PRO A 193 19.86 -23.33 -7.83
N SER A 194 18.82 -23.12 -8.66
CA SER A 194 18.74 -23.54 -10.05
C SER A 194 19.82 -22.89 -10.94
N ASN A 195 20.26 -21.65 -10.60
CA ASN A 195 21.23 -20.89 -11.39
C ASN A 195 22.66 -20.95 -10.82
N ILE A 196 22.89 -21.86 -9.88
CA ILE A 196 24.22 -22.11 -9.34
C ILE A 196 24.56 -23.54 -9.74
N VAL A 197 25.32 -23.73 -10.82
CA VAL A 197 25.71 -25.07 -11.28
C VAL A 197 27.15 -25.33 -10.86
N PHE A 198 27.57 -26.61 -10.73
CA PHE A 198 28.93 -26.83 -10.25
C PHE A 198 29.70 -27.92 -10.99
N MET A 199 31.04 -27.89 -10.85
CA MET A 199 32.03 -28.80 -11.41
C MET A 199 32.80 -29.42 -10.23
N SER A 200 33.93 -30.10 -10.50
CA SER A 200 34.74 -30.75 -9.47
C SER A 200 35.51 -29.74 -8.61
N THR A 201 36.06 -28.69 -9.23
CA THR A 201 36.90 -27.67 -8.59
C THR A 201 36.16 -26.38 -8.16
N LYS A 202 34.98 -26.10 -8.74
CA LYS A 202 34.25 -24.86 -8.48
C LYS A 202 32.75 -24.92 -8.78
N ALA A 203 32.07 -23.77 -8.56
CA ALA A 203 30.66 -23.52 -8.88
C ALA A 203 30.62 -22.26 -9.73
N VAL A 204 29.80 -22.27 -10.79
CA VAL A 204 29.62 -21.12 -11.70
C VAL A 204 28.18 -20.59 -11.61
N LEU A 205 28.01 -19.29 -11.89
CA LEU A 205 26.71 -18.61 -11.93
C LEU A 205 26.15 -18.77 -13.36
N VAL A 206 24.87 -19.15 -13.52
CA VAL A 206 24.29 -19.28 -14.87
C VAL A 206 23.01 -18.42 -15.04
N ASP A 207 22.50 -18.34 -16.27
CA ASP A 207 21.28 -17.64 -16.66
C ASP A 207 21.37 -16.13 -16.47
N PHE A 208 21.78 -15.43 -17.52
CA PHE A 208 21.91 -13.98 -17.50
C PHE A 208 20.79 -13.30 -18.31
N GLY A 209 19.72 -14.06 -18.55
CA GLY A 209 18.54 -13.61 -19.29
C GLY A 209 17.89 -12.36 -18.76
N LEU A 210 17.83 -12.23 -17.43
CA LEU A 210 17.23 -11.07 -16.75
C LEU A 210 18.29 -10.11 -16.21
N SER A 211 19.58 -10.27 -16.62
CA SER A 211 20.68 -9.41 -16.18
C SER A 211 20.58 -8.01 -16.77
N VAL A 212 21.19 -7.02 -16.10
CA VAL A 212 21.17 -5.62 -16.49
C VAL A 212 22.40 -4.91 -15.95
N GLN A 213 23.05 -4.06 -16.80
CA GLN A 213 24.21 -3.25 -16.41
C GLN A 213 23.72 -1.86 -16.03
N MET A 214 23.97 -1.45 -14.79
CA MET A 214 23.59 -0.15 -14.24
C MET A 214 24.37 1.01 -14.88
N THR A 215 23.64 2.06 -15.28
CA THR A 215 24.21 3.27 -15.88
C THR A 215 24.35 4.34 -14.81
N GLU A 216 23.52 4.25 -13.75
CA GLU A 216 23.51 5.18 -12.61
C GLU A 216 23.61 4.40 -11.30
N ASP A 217 23.67 5.11 -10.15
CA ASP A 217 23.78 4.53 -8.80
C ASP A 217 22.57 3.69 -8.37
N VAL A 218 21.38 4.00 -8.95
CA VAL A 218 20.12 3.31 -8.70
C VAL A 218 19.51 2.85 -10.04
N TYR A 219 18.99 1.62 -10.09
CA TYR A 219 18.31 1.09 -11.26
C TYR A 219 16.79 1.16 -11.05
N PHE A 220 16.08 1.73 -12.02
CA PHE A 220 14.61 1.86 -11.95
C PHE A 220 13.99 0.88 -12.94
N PRO A 221 13.37 -0.23 -12.46
CA PRO A 221 12.81 -1.21 -13.40
C PRO A 221 11.45 -0.83 -14.00
N LYS A 222 11.18 -1.29 -15.24
CA LYS A 222 9.93 -1.05 -15.96
C LYS A 222 8.89 -2.15 -15.65
N ASP A 223 9.39 -3.36 -15.30
CA ASP A 223 8.57 -4.53 -14.96
C ASP A 223 9.26 -5.36 -13.87
N LEU A 224 8.49 -6.18 -13.10
CA LEU A 224 9.08 -7.02 -12.05
C LEU A 224 9.85 -8.20 -12.66
N ARG A 225 11.13 -8.35 -12.26
CA ARG A 225 12.00 -9.39 -12.79
C ARG A 225 12.55 -10.33 -11.73
N GLY A 226 12.50 -11.63 -12.01
CA GLY A 226 13.06 -12.67 -11.16
C GLY A 226 12.11 -13.76 -10.73
N THR A 227 12.50 -14.48 -9.66
CA THR A 227 11.71 -15.57 -9.05
C THR A 227 11.19 -15.03 -7.72
N GLU A 228 9.85 -15.01 -7.56
CA GLU A 228 9.12 -14.49 -6.38
C GLU A 228 9.77 -14.83 -5.04
N ILE A 229 10.02 -16.13 -4.80
CA ILE A 229 10.59 -16.70 -3.57
C ILE A 229 11.89 -16.04 -3.13
N TYR A 230 12.78 -15.74 -4.11
CA TYR A 230 14.12 -15.17 -3.92
C TYR A 230 14.21 -13.66 -4.16
N MET A 231 13.09 -13.01 -4.54
CA MET A 231 13.05 -11.57 -4.80
C MET A 231 13.21 -10.72 -3.52
N SER A 232 14.03 -9.63 -3.63
CA SER A 232 14.26 -8.68 -2.53
C SER A 232 13.01 -7.77 -2.38
N PRO A 233 12.73 -7.14 -1.21
CA PRO A 233 11.50 -6.32 -1.11
C PRO A 233 11.52 -5.11 -2.04
N GLU A 234 12.71 -4.50 -2.22
CA GLU A 234 12.94 -3.34 -3.08
C GLU A 234 12.67 -3.64 -4.55
N VAL A 235 12.85 -4.92 -4.96
CA VAL A 235 12.60 -5.40 -6.32
C VAL A 235 11.09 -5.58 -6.51
N ILE A 236 10.41 -6.17 -5.53
CA ILE A 236 8.95 -6.37 -5.52
C ILE A 236 8.22 -5.01 -5.46
N LEU A 237 8.84 -3.98 -4.81
CA LEU A 237 8.26 -2.64 -4.69
C LEU A 237 8.34 -1.82 -5.99
N CYS A 238 9.29 -2.18 -6.88
CA CYS A 238 9.57 -1.57 -8.20
C CYS A 238 9.93 -0.07 -8.18
N ARG A 239 10.25 0.48 -6.99
CA ARG A 239 10.63 1.89 -6.82
C ARG A 239 12.11 2.18 -7.16
N GLY A 240 12.97 1.18 -7.04
CA GLY A 240 14.40 1.31 -7.34
C GLY A 240 15.29 0.38 -6.54
N HIS A 241 16.30 -0.20 -7.20
CA HIS A 241 17.25 -1.13 -6.60
C HIS A 241 18.63 -1.15 -7.29
N SER A 242 19.60 -1.83 -6.65
CA SER A 242 20.97 -1.95 -7.13
C SER A 242 21.42 -3.40 -6.99
N THR A 243 22.74 -3.63 -7.09
CA THR A 243 23.41 -4.92 -6.97
C THR A 243 23.09 -5.64 -5.65
N LYS A 244 22.64 -4.87 -4.61
CA LYS A 244 22.25 -5.37 -3.29
C LYS A 244 21.08 -6.38 -3.37
N ALA A 245 20.29 -6.32 -4.47
CA ALA A 245 19.16 -7.23 -4.75
C ALA A 245 19.63 -8.68 -4.81
N ASP A 246 20.83 -8.92 -5.40
CA ASP A 246 21.46 -10.24 -5.54
C ASP A 246 21.88 -10.81 -4.17
N ILE A 247 22.22 -9.91 -3.21
CA ILE A 247 22.65 -10.30 -1.87
C ILE A 247 21.47 -10.94 -1.10
N TYR A 248 20.26 -10.34 -1.20
CA TYR A 248 19.04 -10.86 -0.59
C TYR A 248 18.72 -12.22 -1.21
N SER A 249 18.77 -12.32 -2.56
CA SER A 249 18.52 -13.55 -3.31
C SER A 249 19.43 -14.68 -2.87
N LEU A 250 20.70 -14.35 -2.56
CA LEU A 250 21.70 -15.29 -2.06
C LEU A 250 21.32 -15.76 -0.64
N GLY A 251 20.79 -14.83 0.17
CA GLY A 251 20.32 -15.12 1.53
C GLY A 251 19.15 -16.09 1.49
N ALA A 252 18.21 -15.87 0.53
CA ALA A 252 17.04 -16.71 0.29
C ALA A 252 17.52 -18.08 -0.25
N THR A 253 18.56 -18.10 -1.12
CA THR A 253 19.17 -19.32 -1.67
C THR A 253 19.82 -20.11 -0.52
N LEU A 254 20.48 -19.40 0.43
CA LEU A 254 21.15 -19.97 1.60
C LEU A 254 20.17 -20.70 2.49
N ILE A 255 19.00 -20.09 2.82
CA ILE A 255 17.96 -20.70 3.65
C ILE A 255 17.36 -21.94 2.97
N HIS A 256 17.35 -21.97 1.62
CA HIS A 256 16.89 -23.11 0.82
C HIS A 256 17.95 -24.21 0.91
N MET A 257 19.24 -23.84 0.75
CA MET A 257 20.38 -24.77 0.84
C MET A 257 20.48 -25.42 2.22
N GLN A 258 20.25 -24.61 3.28
CA GLN A 258 20.32 -25.02 4.67
C GLN A 258 19.18 -25.95 5.12
N THR A 259 17.94 -25.65 4.70
CA THR A 259 16.73 -26.38 5.10
C THR A 259 16.32 -27.47 4.13
N GLY A 260 16.74 -27.34 2.87
CA GLY A 260 16.42 -28.27 1.80
C GLY A 260 15.15 -27.89 1.07
N THR A 261 14.42 -26.90 1.58
CA THR A 261 13.15 -26.39 1.03
C THR A 261 13.17 -24.86 0.93
N PRO A 262 12.62 -24.30 -0.17
CA PRO A 262 12.71 -22.84 -0.40
C PRO A 262 11.95 -22.00 0.64
N PRO A 263 12.29 -20.71 0.87
CA PRO A 263 11.53 -19.93 1.87
C PRO A 263 10.08 -19.70 1.46
N TRP A 264 9.22 -19.43 2.46
CA TRP A 264 7.76 -19.16 2.38
C TRP A 264 6.92 -20.40 2.20
N VAL A 265 7.34 -21.34 1.32
CA VAL A 265 6.64 -22.55 0.91
C VAL A 265 6.06 -23.37 2.10
N LYS A 266 6.87 -23.66 3.14
CA LYS A 266 6.45 -24.44 4.31
C LYS A 266 5.40 -23.73 5.16
N ARG A 267 5.59 -22.43 5.44
CA ARG A 267 4.65 -21.62 6.24
C ARG A 267 3.38 -21.30 5.45
N TYR A 268 3.52 -20.95 4.16
CA TYR A 268 2.41 -20.59 3.27
C TYR A 268 2.35 -21.50 2.04
N TYR A 276 3.06 -15.17 -4.00
CA TYR A 276 3.79 -14.87 -2.77
C TYR A 276 4.17 -13.40 -2.62
N LEU A 277 4.02 -12.59 -3.71
CA LEU A 277 4.36 -11.17 -3.77
C LEU A 277 3.78 -10.31 -2.63
N TYR A 278 2.52 -10.58 -2.21
CA TYR A 278 1.86 -9.85 -1.13
C TYR A 278 2.48 -10.21 0.23
N ILE A 279 2.72 -11.52 0.47
CA ILE A 279 3.32 -12.03 1.71
C ILE A 279 4.75 -11.52 1.89
N ILE A 280 5.56 -11.48 0.80
CA ILE A 280 6.96 -11.01 0.77
C ILE A 280 7.07 -9.49 1.03
N HIS A 281 6.25 -8.67 0.34
CA HIS A 281 6.28 -7.22 0.50
C HIS A 281 5.90 -6.74 1.92
N LYS A 282 5.07 -7.55 2.65
CA LYS A 282 4.66 -7.26 4.02
C LYS A 282 5.63 -7.88 5.04
N GLN A 283 5.89 -9.19 4.91
CA GLN A 283 6.83 -9.91 5.79
C GLN A 283 8.14 -10.07 5.03
N ALA A 284 9.23 -9.52 5.59
CA ALA A 284 10.58 -9.55 5.00
C ALA A 284 11.59 -9.11 6.05
N PRO A 285 12.65 -9.89 6.32
CA PRO A 285 13.02 -11.16 5.66
C PRO A 285 12.41 -12.43 6.28
N PRO A 286 12.44 -13.59 5.58
CA PRO A 286 11.87 -14.82 6.16
C PRO A 286 12.82 -15.51 7.15
N LEU A 287 13.27 -14.78 8.18
CA LEU A 287 14.18 -15.27 9.23
C LEU A 287 13.63 -16.48 10.01
N GLU A 288 12.29 -16.63 10.02
CA GLU A 288 11.59 -17.73 10.67
C GLU A 288 11.85 -19.05 9.94
N ASP A 289 12.11 -18.98 8.61
CA ASP A 289 12.39 -20.15 7.77
C ASP A 289 13.80 -20.75 8.00
N ILE A 290 14.69 -20.05 8.74
CA ILE A 290 16.02 -20.56 9.09
C ILE A 290 15.84 -21.72 10.09
N ALA A 291 16.46 -22.87 9.81
CA ALA A 291 16.36 -24.08 10.64
C ALA A 291 16.96 -23.93 12.04
N ASP A 292 16.49 -24.71 13.02
CA ASP A 292 16.99 -24.69 14.39
C ASP A 292 18.42 -25.28 14.46
N ASP A 293 18.74 -26.20 13.53
CA ASP A 293 20.05 -26.86 13.42
C ASP A 293 21.19 -25.91 13.07
N CYS A 294 20.86 -24.81 12.35
CA CYS A 294 21.77 -23.76 11.87
C CYS A 294 22.77 -23.26 12.92
N SER A 295 24.04 -23.10 12.51
CA SER A 295 25.13 -22.61 13.35
C SER A 295 25.00 -21.09 13.56
N PRO A 296 25.41 -20.52 14.72
CA PRO A 296 25.29 -19.06 14.92
C PRO A 296 26.07 -18.21 13.93
N GLY A 297 27.18 -18.75 13.41
CA GLY A 297 28.04 -18.10 12.43
C GLY A 297 27.34 -17.94 11.09
N MET A 298 26.76 -19.05 10.56
CA MET A 298 26.01 -19.06 9.31
C MET A 298 24.72 -18.26 9.43
N ARG A 299 24.02 -18.35 10.59
CA ARG A 299 22.79 -17.63 10.88
C ARG A 299 23.01 -16.12 10.84
N GLU A 300 24.19 -15.65 11.32
CA GLU A 300 24.60 -14.24 11.31
C GLU A 300 24.84 -13.79 9.86
N LEU A 301 25.41 -14.68 9.00
CA LEU A 301 25.67 -14.42 7.59
C LEU A 301 24.36 -14.35 6.79
N ILE A 302 23.44 -15.32 7.04
CA ILE A 302 22.12 -15.41 6.40
C ILE A 302 21.26 -14.19 6.77
N GLU A 303 21.24 -13.82 8.08
CA GLU A 303 20.49 -12.66 8.58
C GLU A 303 21.05 -11.33 8.03
N ALA A 304 22.40 -11.24 7.86
CA ALA A 304 23.06 -10.05 7.33
C ALA A 304 22.70 -9.84 5.86
N SER A 305 22.76 -10.92 5.06
CA SER A 305 22.43 -10.93 3.63
C SER A 305 20.94 -10.66 3.35
N LEU A 306 20.06 -11.01 4.30
CA LEU A 306 18.61 -10.82 4.17
C LEU A 306 18.10 -9.46 4.72
N GLU A 307 19.00 -8.56 5.19
CA GLU A 307 18.68 -7.22 5.71
C GLU A 307 17.69 -6.49 4.77
N ARG A 308 16.56 -6.00 5.29
CA ARG A 308 15.53 -5.32 4.50
C ARG A 308 16.02 -4.02 3.86
N ASN A 309 16.78 -3.19 4.61
CA ASN A 309 17.33 -1.93 4.09
C ASN A 309 18.51 -2.26 3.19
N PRO A 310 18.44 -1.96 1.85
CA PRO A 310 19.56 -2.33 0.95
C PRO A 310 20.87 -1.65 1.33
N ASN A 311 20.79 -0.44 1.92
CA ASN A 311 21.93 0.35 2.36
C ASN A 311 22.68 -0.34 3.50
N HIS A 312 21.94 -1.01 4.42
CA HIS A 312 22.54 -1.73 5.55
C HIS A 312 22.96 -3.15 5.21
N ARG A 313 22.51 -3.69 4.05
CA ARG A 313 22.85 -5.03 3.55
C ARG A 313 24.33 -5.03 3.07
N PRO A 314 25.13 -6.08 3.35
CA PRO A 314 26.55 -6.07 2.94
C PRO A 314 26.79 -6.31 1.45
N ARG A 315 27.97 -5.85 0.96
CA ARG A 315 28.42 -6.09 -0.41
C ARG A 315 28.96 -7.52 -0.46
N ALA A 316 29.13 -8.09 -1.67
CA ALA A 316 29.68 -9.45 -1.83
C ALA A 316 31.10 -9.51 -1.27
N ALA A 317 31.88 -8.42 -1.45
CA ALA A 317 33.25 -8.25 -0.96
C ALA A 317 33.30 -8.26 0.57
N ASP A 318 32.29 -7.65 1.21
CA ASP A 318 32.14 -7.60 2.66
C ASP A 318 31.82 -8.99 3.22
N LEU A 319 30.81 -9.68 2.64
CA LEU A 319 30.39 -11.02 3.09
C LEU A 319 31.49 -12.05 2.95
N LEU A 320 32.41 -11.92 1.96
CA LEU A 320 33.52 -12.85 1.77
C LEU A 320 34.46 -12.82 2.97
N LYS A 321 34.57 -11.63 3.62
CA LYS A 321 35.40 -11.40 4.79
C LYS A 321 34.77 -11.91 6.09
N HIS A 322 33.46 -12.30 6.05
CA HIS A 322 32.70 -12.82 7.19
C HIS A 322 33.35 -14.07 7.81
N GLU A 323 33.18 -14.23 9.14
CA GLU A 323 33.74 -15.33 9.94
C GLU A 323 33.23 -16.71 9.50
N ALA A 324 31.95 -16.80 9.09
CA ALA A 324 31.33 -18.05 8.65
C ALA A 324 31.97 -18.67 7.40
N LEU A 325 32.51 -17.83 6.48
CA LEU A 325 33.11 -18.25 5.21
C LEU A 325 34.61 -18.47 5.27
N ASN A 326 35.36 -17.54 5.89
CA ASN A 326 36.81 -17.61 6.02
C ASN A 326 37.25 -18.56 7.13
N LEU B 10 -20.86 5.06 44.96
CA LEU B 10 -20.27 6.35 45.31
C LEU B 10 -21.20 7.51 44.98
N SER B 11 -21.50 8.35 45.99
CA SER B 11 -22.40 9.51 45.88
C SER B 11 -21.70 10.85 46.14
N SER B 12 -20.44 10.80 46.63
CA SER B 12 -19.65 11.98 46.97
C SER B 12 -18.22 11.89 46.42
N VAL B 13 -17.48 13.02 46.45
CA VAL B 13 -16.09 13.07 46.04
C VAL B 13 -15.28 12.88 47.31
N ARG B 14 -14.52 11.79 47.37
CA ARG B 14 -13.73 11.44 48.55
C ARG B 14 -12.37 10.92 48.19
N TYR B 15 -11.41 11.01 49.13
CA TYR B 15 -10.08 10.46 48.95
C TYR B 15 -10.19 8.94 48.98
N GLY B 16 -9.37 8.27 48.20
CA GLY B 16 -9.37 6.82 48.12
C GLY B 16 -8.09 6.24 47.55
N THR B 17 -7.98 4.91 47.60
CA THR B 17 -6.85 4.14 47.08
C THR B 17 -7.02 3.98 45.57
N VAL B 18 -6.02 3.36 44.90
CA VAL B 18 -6.05 3.08 43.46
C VAL B 18 -7.16 2.08 43.18
N GLU B 19 -7.34 1.11 44.09
CA GLU B 19 -8.37 0.07 44.04
C GLU B 19 -9.76 0.68 44.04
N ASP B 20 -9.96 1.77 44.83
CA ASP B 20 -11.21 2.54 44.93
C ASP B 20 -11.47 3.31 43.63
N LEU B 21 -10.40 3.87 43.02
CA LEU B 21 -10.44 4.65 41.79
C LEU B 21 -10.83 3.73 40.61
N LEU B 22 -10.14 2.58 40.48
CA LEU B 22 -10.36 1.58 39.44
C LEU B 22 -11.77 0.98 39.52
N ALA B 23 -12.29 0.77 40.75
CA ALA B 23 -13.63 0.25 41.01
C ALA B 23 -14.69 1.26 40.56
N PHE B 24 -14.43 2.56 40.80
CA PHE B 24 -15.30 3.67 40.41
C PHE B 24 -15.35 3.80 38.89
N ALA B 25 -14.19 3.67 38.22
CA ALA B 25 -14.05 3.75 36.77
C ALA B 25 -14.87 2.69 36.06
N ASN B 26 -14.93 1.46 36.62
CA ASN B 26 -15.71 0.35 36.07
C ASN B 26 -17.21 0.56 36.29
N HIS B 27 -17.58 1.25 37.39
CA HIS B 27 -18.96 1.58 37.74
C HIS B 27 -19.54 2.66 36.82
N ILE B 28 -18.66 3.47 36.19
CA ILE B 28 -19.06 4.51 35.23
C ILE B 28 -19.31 3.82 33.88
N SER B 29 -18.27 3.14 33.34
CA SER B 29 -18.31 2.40 32.06
C SER B 29 -18.45 0.90 32.29
N PRO B 40 -28.05 15.43 39.77
CA PRO B 40 -27.11 16.40 39.22
C PRO B 40 -25.80 16.59 40.03
N GLN B 41 -25.57 15.73 41.04
CA GLN B 41 -24.40 15.78 41.93
C GLN B 41 -23.12 15.19 41.33
N GLU B 42 -21.98 15.41 42.03
CA GLU B 42 -20.66 14.94 41.62
C GLU B 42 -20.11 13.85 42.54
N SER B 43 -19.57 12.78 41.93
CA SER B 43 -18.97 11.63 42.60
C SER B 43 -17.55 11.45 42.08
N GLY B 44 -16.70 10.75 42.82
CA GLY B 44 -15.33 10.48 42.39
C GLY B 44 -14.35 10.10 43.48
N ILE B 45 -13.17 9.60 43.06
CA ILE B 45 -12.07 9.19 43.96
C ILE B 45 -10.81 10.05 43.72
N LEU B 46 -10.27 10.63 44.82
CA LEU B 46 -9.04 11.43 44.78
C LEU B 46 -7.89 10.62 45.36
N LEU B 47 -6.82 10.52 44.59
CA LEU B 47 -5.64 9.76 44.96
C LEU B 47 -4.63 10.62 45.71
N ASN B 48 -4.43 11.88 45.25
CA ASN B 48 -3.49 12.84 45.83
C ASN B 48 -4.17 13.85 46.73
N MET B 49 -3.52 14.16 47.88
CA MET B 49 -3.98 15.13 48.88
C MET B 49 -3.94 16.58 48.34
N VAL B 50 -3.35 16.77 47.12
CA VAL B 50 -3.24 18.06 46.41
C VAL B 50 -4.64 18.60 46.02
N ILE B 51 -5.61 17.70 45.75
CA ILE B 51 -6.99 18.05 45.43
C ILE B 51 -7.75 18.10 46.77
N THR B 52 -8.33 19.27 47.13
CA THR B 52 -9.03 19.47 48.40
C THR B 52 -10.55 19.33 48.27
N PRO B 53 -11.09 18.33 48.98
CA PRO B 53 -12.55 18.13 48.98
C PRO B 53 -13.22 18.84 50.17
N GLN B 54 -14.42 19.46 49.95
CA GLN B 54 -15.13 20.12 51.04
C GLN B 54 -16.57 19.61 51.12
N ASN B 55 -16.87 18.81 52.17
CA ASN B 55 -18.16 18.17 52.42
C ASN B 55 -18.59 17.25 51.26
N GLY B 56 -17.68 16.36 50.86
CA GLY B 56 -17.88 15.41 49.78
C GLY B 56 -18.16 16.01 48.42
N ARG B 57 -17.63 17.22 48.17
CA ARG B 57 -17.84 17.95 46.93
C ARG B 57 -16.56 18.58 46.42
N TYR B 58 -16.53 18.88 45.11
CA TYR B 58 -15.42 19.52 44.41
C TYR B 58 -16.00 20.38 43.26
N GLN B 59 -16.59 21.52 43.63
CA GLN B 59 -17.24 22.46 42.73
C GLN B 59 -16.30 23.53 42.18
N ILE B 60 -16.59 24.04 40.97
CA ILE B 60 -15.82 25.12 40.35
C ILE B 60 -16.18 26.44 41.04
N ASP B 61 -15.20 27.35 41.16
CA ASP B 61 -15.28 28.67 41.80
C ASP B 61 -15.45 28.60 43.33
N SER B 62 -15.67 27.39 43.89
CA SER B 62 -15.86 27.15 45.34
C SER B 62 -14.71 26.32 45.90
N ASP B 63 -14.27 25.28 45.14
CA ASP B 63 -13.19 24.36 45.51
C ASP B 63 -12.01 24.42 44.57
N VAL B 64 -12.26 24.63 43.27
CA VAL B 64 -11.27 24.70 42.20
C VAL B 64 -11.58 25.85 41.24
N LEU B 65 -10.54 26.57 40.78
CA LEU B 65 -10.71 27.67 39.82
C LEU B 65 -10.09 27.25 38.48
N LEU B 66 -10.86 27.34 37.39
CA LEU B 66 -10.35 26.96 36.07
C LEU B 66 -9.66 28.18 35.40
N ILE B 67 -8.31 28.19 35.41
CA ILE B 67 -7.45 29.25 34.84
C ILE B 67 -7.15 28.94 33.37
N PRO B 68 -6.72 29.93 32.58
CA PRO B 68 -6.31 29.63 31.18
C PRO B 68 -4.87 29.11 31.04
N TRP B 69 -4.65 28.27 30.03
CA TRP B 69 -3.34 27.72 29.65
C TRP B 69 -2.55 28.84 28.97
N LYS B 70 -1.21 28.84 29.10
CA LYS B 70 -0.40 29.87 28.46
C LYS B 70 0.20 29.34 27.15
N LEU B 71 -0.10 30.04 26.05
CA LEU B 71 0.44 29.72 24.73
C LEU B 71 1.70 30.57 24.56
N THR B 72 2.79 30.10 25.18
CA THR B 72 4.12 30.75 25.26
C THR B 72 4.60 31.36 23.95
N TYR B 73 4.55 30.58 22.87
CA TYR B 73 5.04 31.01 21.57
C TYR B 73 4.01 31.76 20.73
N ARG B 74 2.85 32.11 21.35
CA ARG B 74 1.73 32.82 20.71
C ARG B 74 1.32 34.11 21.45
N ASN B 75 1.92 34.37 22.65
CA ASN B 75 1.69 35.56 23.48
C ASN B 75 0.22 35.70 23.97
N ILE B 76 -0.61 34.70 23.67
CA ILE B 76 -2.01 34.61 24.10
C ILE B 76 -2.20 33.40 25.01
N GLY B 77 -3.42 33.23 25.50
CA GLY B 77 -3.83 32.12 26.36
C GLY B 77 -5.01 31.37 25.78
N SER B 78 -5.27 30.16 26.30
CA SER B 78 -6.38 29.32 25.87
C SER B 78 -7.07 28.66 27.06
N ASP B 79 -8.40 28.74 27.14
CA ASP B 79 -9.19 28.14 28.21
C ASP B 79 -9.01 26.63 28.25
N PHE B 80 -8.91 26.00 27.06
CA PHE B 80 -8.70 24.56 26.95
C PHE B 80 -7.98 24.16 25.67
N ILE B 81 -7.37 22.98 25.69
CA ILE B 81 -6.68 22.38 24.57
C ILE B 81 -7.53 21.23 24.02
N PRO B 82 -7.90 21.27 22.72
CA PRO B 82 -8.71 20.17 22.16
C PRO B 82 -7.89 18.90 21.98
N ARG B 83 -8.44 17.77 22.44
CA ARG B 83 -7.82 16.43 22.38
C ARG B 83 -8.79 15.41 21.79
N PHE B 86 -13.93 14.80 21.33
CA PHE B 86 -14.61 14.49 22.60
C PHE B 86 -13.86 15.08 23.79
N GLY B 87 -12.55 14.78 23.87
CA GLY B 87 -11.62 15.22 24.90
C GLY B 87 -11.14 16.65 24.74
N LYS B 88 -11.07 17.37 25.89
CA LYS B 88 -10.63 18.76 26.02
C LYS B 88 -9.91 18.88 27.37
N VAL B 89 -8.67 19.43 27.36
CA VAL B 89 -7.90 19.57 28.60
C VAL B 89 -7.91 21.04 29.06
N TYR B 90 -8.48 21.27 30.26
CA TYR B 90 -8.56 22.56 30.96
C TYR B 90 -7.39 22.66 31.96
N LEU B 91 -7.18 23.84 32.56
CA LEU B 91 -6.13 24.06 33.56
C LEU B 91 -6.86 24.43 34.84
N ALA B 92 -6.76 23.55 35.85
CA ALA B 92 -7.41 23.67 37.17
C ALA B 92 -6.45 24.09 38.28
N GLN B 93 -6.94 24.93 39.21
CA GLN B 93 -6.13 25.34 40.36
C GLN B 93 -6.94 25.16 41.63
N ASP B 94 -6.45 24.28 42.52
CA ASP B 94 -7.09 24.01 43.80
C ASP B 94 -6.91 25.27 44.65
N ILE B 95 -8.01 26.01 44.92
CA ILE B 95 -8.01 27.24 45.72
C ILE B 95 -7.36 27.07 47.12
N LYS B 96 -7.35 25.84 47.68
CA LYS B 96 -6.75 25.59 48.99
C LYS B 96 -5.21 25.43 48.94
N THR B 97 -4.72 24.38 48.23
CA THR B 97 -3.29 24.06 48.09
C THR B 97 -2.56 24.90 47.00
N LYS B 98 -3.32 25.70 46.21
CA LYS B 98 -2.83 26.54 45.10
C LYS B 98 -2.15 25.70 43.98
N LYS B 99 -2.32 24.36 44.04
CA LYS B 99 -1.77 23.37 43.10
C LYS B 99 -2.47 23.42 41.75
N ARG B 100 -1.65 23.55 40.66
CA ARG B 100 -2.15 23.60 39.27
C ARG B 100 -2.17 22.21 38.71
N MET B 101 -3.30 21.80 38.15
CA MET B 101 -3.49 20.47 37.57
C MET B 101 -4.18 20.62 36.22
N ALA B 102 -3.97 19.66 35.35
CA ALA B 102 -4.65 19.64 34.08
C ALA B 102 -5.97 18.94 34.38
N CYS B 103 -7.05 19.35 33.70
CA CYS B 103 -8.35 18.71 33.88
C CYS B 103 -8.89 18.25 32.52
N LYS B 104 -8.80 16.93 32.26
CA LYS B 104 -9.28 16.32 31.02
C LYS B 104 -10.74 15.92 31.17
N LEU B 105 -11.57 16.40 30.24
CA LEU B 105 -12.99 16.10 30.23
C LEU B 105 -13.26 15.06 29.14
N ILE B 106 -13.66 13.85 29.57
CA ILE B 106 -13.96 12.71 28.70
C ILE B 106 -15.41 12.31 28.92
N PRO B 107 -16.30 12.37 27.90
CA PRO B 107 -17.72 12.02 28.14
C PRO B 107 -17.92 10.55 28.55
N VAL B 108 -18.92 10.29 29.39
CA VAL B 108 -19.27 8.96 29.91
C VAL B 108 -19.37 7.92 28.79
N ASP B 109 -20.04 8.27 27.67
CA ASP B 109 -20.24 7.43 26.48
C ASP B 109 -18.91 6.97 25.87
N GLN B 110 -17.92 7.87 25.80
CA GLN B 110 -16.61 7.58 25.23
C GLN B 110 -15.57 7.20 26.30
N PHE B 111 -15.97 7.18 27.59
CA PHE B 111 -15.05 6.87 28.69
C PHE B 111 -14.63 5.39 28.73
N LYS B 112 -13.30 5.15 28.75
CA LYS B 112 -12.67 3.84 28.80
C LYS B 112 -11.84 3.71 30.09
N PRO B 113 -11.75 2.49 30.64
CA PRO B 113 -10.94 2.27 31.86
C PRO B 113 -9.44 2.48 31.64
N SER B 114 -8.96 2.33 30.38
CA SER B 114 -7.56 2.51 29.98
C SER B 114 -7.08 3.94 30.25
N ASP B 115 -8.03 4.92 30.19
CA ASP B 115 -7.78 6.34 30.43
C ASP B 115 -7.36 6.66 31.88
N VAL B 116 -7.60 5.73 32.82
CA VAL B 116 -7.25 5.89 34.24
C VAL B 116 -6.29 4.83 34.75
N GLU B 117 -6.44 3.56 34.29
CA GLU B 117 -5.66 2.38 34.73
C GLU B 117 -4.14 2.61 34.81
N ILE B 118 -3.46 2.80 33.66
CA ILE B 118 -2.00 2.99 33.64
C ILE B 118 -1.53 4.14 34.56
N GLN B 119 -2.11 5.33 34.43
CA GLN B 119 -1.73 6.48 35.26
C GLN B 119 -2.02 6.31 36.76
N ALA B 120 -3.10 5.59 37.12
CA ALA B 120 -3.43 5.37 38.54
C ALA B 120 -2.53 4.31 39.16
N CYS B 121 -2.14 3.29 38.39
CA CYS B 121 -1.29 2.20 38.86
C CYS B 121 0.20 2.52 38.83
N PHE B 122 0.68 3.05 37.70
CA PHE B 122 2.11 3.23 37.51
C PHE B 122 2.58 4.68 37.57
N ARG B 123 3.30 5.01 38.66
CA ARG B 123 3.85 6.34 38.88
C ARG B 123 5.32 6.43 38.52
N HIS B 124 5.70 7.44 37.74
CA HIS B 124 7.07 7.73 37.34
C HIS B 124 7.22 9.22 37.01
N GLU B 125 8.44 9.77 37.22
CA GLU B 125 8.80 11.16 36.95
C GLU B 125 8.44 11.59 35.52
N ASN B 126 8.45 10.65 34.56
CA ASN B 126 8.17 10.94 33.15
C ASN B 126 6.82 10.45 32.66
N ILE B 127 5.87 10.31 33.57
CA ILE B 127 4.48 9.90 33.28
C ILE B 127 3.60 10.86 34.06
N ALA B 128 2.65 11.54 33.39
CA ALA B 128 1.75 12.52 34.04
C ALA B 128 0.88 11.86 35.11
N GLU B 129 1.16 12.17 36.39
CA GLU B 129 0.49 11.57 37.54
C GLU B 129 -1.00 11.87 37.57
N LEU B 130 -1.84 10.86 37.79
CA LEU B 130 -3.29 11.06 37.91
C LEU B 130 -3.55 11.37 39.37
N TYR B 131 -4.10 12.57 39.65
CA TYR B 131 -4.40 13.03 41.00
C TYR B 131 -5.77 12.59 41.49
N GLY B 132 -6.74 12.53 40.56
CA GLY B 132 -8.11 12.14 40.87
C GLY B 132 -9.02 12.09 39.65
N ALA B 133 -10.20 11.47 39.84
CA ALA B 133 -11.22 11.33 38.80
C ALA B 133 -12.55 11.76 39.40
N VAL B 134 -13.25 12.71 38.76
CA VAL B 134 -14.53 13.21 39.26
C VAL B 134 -15.57 13.17 38.14
N LEU B 135 -16.70 12.47 38.37
CA LEU B 135 -17.82 12.38 37.44
C LEU B 135 -18.86 13.42 37.80
N TRP B 136 -19.19 14.31 36.87
CA TRP B 136 -20.19 15.35 37.03
C TRP B 136 -20.96 15.50 35.75
N GLY B 137 -22.25 15.23 35.82
CA GLY B 137 -23.15 15.27 34.67
C GLY B 137 -22.90 14.08 33.76
N GLU B 138 -22.60 14.35 32.49
CA GLU B 138 -22.33 13.33 31.49
C GLU B 138 -20.83 13.22 31.16
N THR B 139 -19.98 14.00 31.85
CA THR B 139 -18.53 14.01 31.61
C THR B 139 -17.70 13.59 32.83
N VAL B 140 -16.56 12.94 32.56
CA VAL B 140 -15.59 12.49 33.56
C VAL B 140 -14.41 13.46 33.53
N HIS B 141 -14.14 14.10 34.67
CA HIS B 141 -13.04 15.05 34.86
C HIS B 141 -11.83 14.34 35.49
N LEU B 142 -10.76 14.18 34.70
CA LEU B 142 -9.54 13.54 35.17
C LEU B 142 -8.52 14.61 35.52
N PHE B 143 -8.29 14.81 36.82
CA PHE B 143 -7.31 15.78 37.31
C PHE B 143 -5.96 15.10 37.34
N MET B 144 -4.98 15.67 36.64
CA MET B 144 -3.64 15.11 36.57
C MET B 144 -2.54 16.18 36.41
N GLU B 145 -1.25 15.79 36.43
CA GLU B 145 -0.08 16.66 36.29
C GLU B 145 -0.19 17.55 35.07
N ALA B 146 -0.10 18.87 35.25
CA ALA B 146 -0.24 19.81 34.16
C ALA B 146 1.07 20.18 33.52
N GLY B 147 1.21 19.86 32.24
CA GLY B 147 2.37 20.22 31.44
C GLY B 147 2.19 21.65 31.01
N GLU B 148 2.50 22.60 31.90
CA GLU B 148 2.28 24.04 31.68
C GLU B 148 3.09 24.65 30.55
N GLY B 149 4.21 24.01 30.18
CA GLY B 149 5.04 24.45 29.07
C GLY B 149 4.43 24.10 27.71
N GLY B 150 3.36 23.31 27.72
CA GLY B 150 2.67 22.89 26.51
C GLY B 150 3.12 21.56 25.97
N SER B 151 2.70 21.24 24.74
CA SER B 151 3.08 19.98 24.10
C SER B 151 4.24 20.17 23.10
N VAL B 152 4.97 19.08 22.77
CA VAL B 152 6.05 19.13 21.77
C VAL B 152 5.47 19.58 20.40
N LEU B 153 4.23 19.11 20.02
CA LEU B 153 3.51 19.51 18.79
C LEU B 153 3.27 21.01 18.72
N GLU B 154 2.89 21.65 19.85
CA GLU B 154 2.70 23.10 19.95
C GLU B 154 4.00 23.90 19.66
N LYS B 155 5.15 23.46 20.18
CA LYS B 155 6.45 24.10 19.94
C LYS B 155 6.84 23.95 18.47
N LEU B 156 6.68 22.75 17.92
CA LEU B 156 7.01 22.50 16.52
C LEU B 156 6.13 23.34 15.59
N GLU B 157 4.83 23.42 15.88
CA GLU B 157 3.88 24.19 15.08
C GLU B 157 4.09 25.69 15.14
N SER B 158 4.27 26.24 16.35
CA SER B 158 4.46 27.68 16.54
C SER B 158 5.91 28.18 16.29
N CYS B 159 6.91 27.28 16.31
CA CYS B 159 8.31 27.70 16.15
C CYS B 159 9.06 27.07 14.98
N GLY B 160 8.70 25.85 14.60
CA GLY B 160 9.37 25.13 13.52
C GLY B 160 10.32 24.05 14.03
N PRO B 161 11.33 23.64 13.23
CA PRO B 161 12.28 22.61 13.69
C PRO B 161 12.98 23.00 14.99
N MET B 162 13.02 22.04 15.93
CA MET B 162 13.67 22.20 17.22
C MET B 162 15.19 22.09 17.07
N ARG B 163 15.92 22.63 18.05
CA ARG B 163 17.39 22.56 18.05
C ARG B 163 17.78 21.18 18.56
N GLU B 164 18.92 20.64 18.08
CA GLU B 164 19.44 19.32 18.49
C GLU B 164 19.43 19.11 20.00
N PHE B 165 19.83 20.12 20.79
CA PHE B 165 19.84 20.03 22.24
C PHE B 165 18.45 19.80 22.84
N GLU B 166 17.43 20.58 22.41
CA GLU B 166 16.05 20.47 22.87
C GLU B 166 15.51 19.10 22.51
N ILE B 167 15.87 18.57 21.34
CA ILE B 167 15.46 17.23 20.92
C ILE B 167 16.04 16.16 21.85
N ILE B 168 17.36 16.22 22.17
CA ILE B 168 17.97 15.22 23.08
C ILE B 168 17.43 15.36 24.51
N TRP B 169 17.05 16.58 24.90
CA TRP B 169 16.50 16.86 26.23
C TRP B 169 15.14 16.19 26.41
N VAL B 170 14.24 16.31 25.41
CA VAL B 170 12.91 15.69 25.44
C VAL B 170 13.06 14.16 25.33
N THR B 171 13.85 13.67 24.35
CA THR B 171 14.09 12.23 24.10
C THR B 171 14.54 11.50 25.37
N LYS B 172 15.53 12.02 26.12
CA LYS B 172 16.01 11.41 27.35
C LYS B 172 14.84 11.21 28.33
N HIS B 173 13.98 12.24 28.46
CA HIS B 173 12.81 12.18 29.33
C HIS B 173 11.79 11.17 28.82
N VAL B 174 11.43 11.25 27.53
CA VAL B 174 10.49 10.32 26.90
C VAL B 174 10.98 8.87 27.00
N LEU B 175 12.28 8.65 26.72
CA LEU B 175 12.89 7.31 26.81
C LEU B 175 12.90 6.75 28.21
N LYS B 176 12.90 7.61 29.23
CA LYS B 176 12.86 7.15 30.61
C LYS B 176 11.44 6.73 30.93
N GLY B 177 10.47 7.45 30.37
CA GLY B 177 9.05 7.14 30.53
C GLY B 177 8.69 5.79 29.92
N LEU B 178 9.25 5.52 28.71
CA LEU B 178 9.07 4.27 27.95
C LEU B 178 9.79 3.10 28.59
N ASP B 179 11.04 3.28 29.06
CA ASP B 179 11.81 2.21 29.75
C ASP B 179 11.02 1.69 30.97
N PHE B 180 10.40 2.60 31.73
CA PHE B 180 9.56 2.29 32.89
C PHE B 180 8.30 1.55 32.44
N LEU B 181 7.54 2.11 31.47
CA LEU B 181 6.31 1.50 30.97
C LEU B 181 6.54 0.09 30.40
N HIS B 182 7.64 -0.07 29.64
CA HIS B 182 7.98 -1.36 29.02
C HIS B 182 8.46 -2.39 30.04
N SER B 183 8.98 -1.93 31.20
CA SER B 183 9.41 -2.80 32.30
C SER B 183 8.16 -3.38 32.98
N LYS B 184 7.02 -2.65 32.87
CA LYS B 184 5.70 -3.01 33.39
C LYS B 184 4.88 -3.72 32.28
N LYS B 185 5.56 -4.04 31.14
CA LYS B 185 5.01 -4.69 29.94
C LYS B 185 3.87 -3.86 29.29
N VAL B 186 3.91 -2.53 29.47
CA VAL B 186 2.88 -1.66 28.95
C VAL B 186 3.34 -0.93 27.70
N ILE B 187 2.59 -1.11 26.59
CA ILE B 187 2.82 -0.42 25.31
C ILE B 187 1.90 0.82 25.30
N HIS B 188 2.47 2.03 25.15
CA HIS B 188 1.72 3.28 25.05
C HIS B 188 1.52 3.40 23.55
N HIS B 189 0.38 2.92 23.02
CA HIS B 189 0.18 2.88 21.57
C HIS B 189 0.10 4.25 20.81
N ASP B 190 0.34 5.39 21.47
CA ASP B 190 0.21 6.69 20.80
C ASP B 190 1.37 7.69 21.10
N ILE B 191 2.64 7.26 20.92
CA ILE B 191 3.78 8.15 21.12
C ILE B 191 3.87 9.07 19.90
N LYS B 192 3.59 10.36 20.10
CA LYS B 192 3.63 11.40 19.06
C LYS B 192 3.90 12.77 19.69
N PRO B 193 4.41 13.78 18.95
CA PRO B 193 4.69 15.09 19.60
C PRO B 193 3.59 15.64 20.53
N SER B 194 2.31 15.56 20.12
CA SER B 194 1.18 16.04 20.93
C SER B 194 0.94 15.26 22.23
N ASN B 195 1.64 14.13 22.44
CA ASN B 195 1.48 13.28 23.63
C ASN B 195 2.71 13.32 24.54
N ILE B 196 3.63 14.24 24.25
CA ILE B 196 4.80 14.56 25.04
C ILE B 196 4.58 16.04 25.41
N VAL B 197 4.19 16.28 26.68
CA VAL B 197 3.96 17.63 27.21
C VAL B 197 5.12 17.95 28.17
N PHE B 198 5.43 19.23 28.44
CA PHE B 198 6.58 19.52 29.29
C PHE B 198 6.37 20.63 30.32
N MET B 199 7.25 20.64 31.34
CA MET B 199 7.30 21.57 32.47
C MET B 199 8.68 22.25 32.46
N SER B 200 9.07 22.92 33.55
CA SER B 200 10.35 23.61 33.68
C SER B 200 11.53 22.64 33.81
N THR B 201 11.37 21.56 34.62
CA THR B 201 12.40 20.57 34.93
C THR B 201 12.38 19.29 34.06
N LYS B 202 11.24 18.99 33.42
CA LYS B 202 11.08 17.74 32.67
C LYS B 202 10.02 17.77 31.58
N ALA B 203 9.90 16.65 30.86
CA ALA B 203 8.89 16.38 29.85
C ALA B 203 8.24 15.05 30.22
N VAL B 204 6.91 14.94 30.12
CA VAL B 204 6.14 13.74 30.48
C VAL B 204 5.29 13.20 29.32
N LEU B 205 4.96 11.91 29.42
CA LEU B 205 4.09 11.15 28.54
C LEU B 205 2.63 11.34 29.00
N VAL B 206 1.70 11.63 28.07
CA VAL B 206 0.27 11.74 28.38
C VAL B 206 -0.51 10.80 27.45
N ASP B 207 -1.85 10.74 27.60
CA ASP B 207 -2.80 9.98 26.79
C ASP B 207 -2.51 8.47 26.76
N PHE B 208 -3.12 7.77 27.70
CA PHE B 208 -2.96 6.33 27.82
C PHE B 208 -4.23 5.60 27.36
N GLY B 209 -5.06 6.30 26.59
CA GLY B 209 -6.31 5.81 26.05
C GLY B 209 -6.20 4.53 25.26
N LEU B 210 -5.12 4.39 24.48
CA LEU B 210 -4.84 3.23 23.64
C LEU B 210 -3.81 2.30 24.25
N SER B 211 -3.41 2.54 25.51
CA SER B 211 -2.41 1.72 26.21
C SER B 211 -2.91 0.30 26.49
N VAL B 212 -1.98 -0.66 26.53
CA VAL B 212 -2.25 -2.08 26.74
C VAL B 212 -1.09 -2.72 27.48
N GLN B 213 -1.40 -3.58 28.47
CA GLN B 213 -0.43 -4.34 29.27
C GLN B 213 -0.37 -5.74 28.69
N MET B 214 0.82 -6.15 28.27
CA MET B 214 1.08 -7.46 27.66
C MET B 214 0.92 -8.62 28.64
N THR B 215 0.20 -9.67 28.21
CA THR B 215 -0.04 -10.88 29.00
C THR B 215 1.00 -11.93 28.63
N GLU B 216 1.51 -11.88 27.39
CA GLU B 216 2.52 -12.78 26.81
C GLU B 216 3.65 -11.96 26.16
N ASP B 217 4.67 -12.64 25.61
CA ASP B 217 5.84 -12.03 24.96
C ASP B 217 5.49 -11.23 23.67
N VAL B 218 4.37 -11.60 23.02
CA VAL B 218 3.85 -10.96 21.81
C VAL B 218 2.39 -10.55 22.03
N TYR B 219 2.01 -9.36 21.59
CA TYR B 219 0.63 -8.86 21.67
C TYR B 219 -0.03 -8.99 20.29
N PHE B 220 -1.21 -9.61 20.26
CA PHE B 220 -1.96 -9.80 19.02
C PHE B 220 -3.17 -8.87 19.04
N PRO B 221 -3.15 -7.79 18.23
CA PRO B 221 -4.28 -6.84 18.27
C PRO B 221 -5.51 -7.28 17.48
N LYS B 222 -6.71 -6.86 17.96
CA LYS B 222 -8.00 -7.14 17.33
C LYS B 222 -8.37 -6.02 16.33
N ASP B 223 -7.83 -4.80 16.56
CA ASP B 223 -8.05 -3.60 15.73
C ASP B 223 -6.77 -2.75 15.67
N LEU B 224 -6.60 -1.96 14.59
CA LEU B 224 -5.43 -1.08 14.40
C LEU B 224 -5.50 0.10 15.38
N ARG B 225 -4.42 0.31 16.16
CA ARG B 225 -4.38 1.37 17.16
C ARG B 225 -3.26 2.38 16.94
N GLY B 226 -3.60 3.66 17.02
CA GLY B 226 -2.64 4.75 16.93
C GLY B 226 -2.89 5.79 15.87
N THR B 227 -1.83 6.55 15.54
CA THR B 227 -1.82 7.61 14.54
C THR B 227 -1.00 7.08 13.38
N GLU B 228 -1.61 7.01 12.18
CA GLU B 228 -1.03 6.47 10.94
C GLU B 228 0.43 6.86 10.70
N ILE B 229 0.74 8.16 10.75
CA ILE B 229 2.06 8.78 10.51
C ILE B 229 3.17 8.16 11.36
N TYR B 230 2.87 7.89 12.64
CA TYR B 230 3.78 7.36 13.66
C TYR B 230 3.67 5.85 13.92
N MET B 231 2.76 5.15 13.22
CA MET B 231 2.54 3.71 13.37
C MET B 231 3.71 2.88 12.81
N SER B 232 4.12 1.84 13.55
CA SER B 232 5.19 0.90 13.18
C SER B 232 4.66 -0.05 12.08
N PRO B 233 5.49 -0.67 11.21
CA PRO B 233 4.91 -1.54 10.17
C PRO B 233 4.22 -2.77 10.74
N GLU B 234 4.76 -3.34 11.84
CA GLU B 234 4.22 -4.52 12.53
C GLU B 234 2.84 -4.24 13.13
N VAL B 235 2.55 -2.95 13.48
CA VAL B 235 1.27 -2.51 14.03
C VAL B 235 0.25 -2.40 12.87
N ILE B 236 0.67 -1.81 11.74
CA ILE B 236 -0.15 -1.68 10.53
C ILE B 236 -0.46 -3.06 9.93
N LEU B 237 0.47 -4.04 10.10
CA LEU B 237 0.30 -5.40 9.58
C LEU B 237 -0.69 -6.25 10.39
N CYS B 238 -0.92 -5.87 11.67
CA CYS B 238 -1.83 -6.48 12.66
C CYS B 238 -1.55 -7.98 12.97
N ARG B 239 -0.35 -8.50 12.58
CA ARG B 239 0.05 -9.88 12.83
C ARG B 239 0.59 -10.13 14.26
N GLY B 240 1.15 -9.09 14.88
CA GLY B 240 1.71 -9.18 16.23
C GLY B 240 2.83 -8.21 16.50
N HIS B 241 2.82 -7.60 17.70
CA HIS B 241 3.81 -6.61 18.12
C HIS B 241 4.02 -6.56 19.64
N SER B 242 5.06 -5.82 20.07
CA SER B 242 5.42 -5.65 21.47
C SER B 242 5.72 -4.18 21.74
N THR B 243 6.37 -3.90 22.89
CA THR B 243 6.77 -2.58 23.34
C THR B 243 7.67 -1.84 22.31
N LYS B 244 8.31 -2.61 21.39
CA LYS B 244 9.17 -2.11 20.30
C LYS B 244 8.40 -1.17 19.36
N ALA B 245 7.05 -1.27 19.31
CA ALA B 245 6.16 -0.42 18.52
C ALA B 245 6.32 1.06 18.90
N ASP B 246 6.49 1.34 20.22
CA ASP B 246 6.70 2.68 20.78
C ASP B 246 8.04 3.28 20.36
N ILE B 247 9.05 2.42 20.13
CA ILE B 247 10.40 2.84 19.71
C ILE B 247 10.35 3.44 18.29
N TYR B 248 9.61 2.78 17.37
CA TYR B 248 9.41 3.28 15.99
C TYR B 248 8.68 4.61 16.03
N SER B 249 7.60 4.70 16.84
CA SER B 249 6.79 5.91 17.01
C SER B 249 7.65 7.08 17.49
N LEU B 250 8.63 6.79 18.38
CA LEU B 250 9.57 7.79 18.90
C LEU B 250 10.50 8.24 17.78
N GLY B 251 10.91 7.30 16.90
CA GLY B 251 11.75 7.59 15.75
C GLY B 251 11.04 8.51 14.77
N ALA B 252 9.74 8.25 14.54
CA ALA B 252 8.85 9.05 13.70
C ALA B 252 8.64 10.43 14.35
N THR B 253 8.52 10.47 15.71
CA THR B 253 8.37 11.71 16.49
C THR B 253 9.65 12.54 16.36
N LEU B 254 10.82 11.86 16.39
CA LEU B 254 12.16 12.46 16.26
C LEU B 254 12.33 13.17 14.92
N ILE B 255 11.95 12.52 13.79
CA ILE B 255 12.02 13.11 12.44
C ILE B 255 11.10 14.31 12.32
N HIS B 256 9.98 14.33 13.07
CA HIS B 256 9.04 15.45 13.10
C HIS B 256 9.67 16.58 13.91
N MET B 257 10.28 16.25 15.06
CA MET B 257 10.96 17.23 15.93
C MET B 257 12.13 17.90 15.21
N GLN B 258 12.91 17.09 14.44
CA GLN B 258 14.09 17.52 13.70
C GLN B 258 13.77 18.41 12.49
N THR B 259 12.73 18.07 11.71
CA THR B 259 12.36 18.75 10.47
C THR B 259 11.29 19.83 10.68
N GLY B 260 10.49 19.67 11.71
CA GLY B 260 9.40 20.59 12.03
C GLY B 260 8.09 20.16 11.42
N THR B 261 8.15 19.15 10.51
CA THR B 261 7.01 18.58 9.79
C THR B 261 6.98 17.04 9.93
N PRO B 262 5.77 16.44 10.12
CA PRO B 262 5.70 14.97 10.34
C PRO B 262 6.13 14.13 9.14
N PRO B 263 6.57 12.86 9.31
CA PRO B 263 6.95 12.05 8.14
C PRO B 263 5.81 11.76 7.17
N TRP B 264 6.15 11.47 5.90
CA TRP B 264 5.28 11.15 4.75
C TRP B 264 4.61 12.34 4.11
N VAL B 265 4.08 13.28 4.94
CA VAL B 265 3.31 14.47 4.58
C VAL B 265 3.92 15.28 3.40
N LYS B 266 5.23 15.61 3.44
CA LYS B 266 5.91 16.39 2.40
C LYS B 266 6.03 15.66 1.06
N ARG B 267 6.42 14.36 1.10
CA ARG B 267 6.55 13.53 -0.11
C ARG B 267 5.18 13.15 -0.68
N TYR B 268 4.23 12.78 0.19
CA TYR B 268 2.88 12.35 -0.18
C TYR B 268 1.78 13.24 0.46
N PRO B 269 1.40 14.37 -0.19
CA PRO B 269 0.40 15.25 0.44
C PRO B 269 -1.04 14.77 0.23
N PRO B 274 -5.63 10.03 0.92
CA PRO B 274 -6.68 9.77 1.93
C PRO B 274 -6.17 8.97 3.14
N SER B 275 -5.35 7.93 2.90
CA SER B 275 -4.78 7.07 3.93
C SER B 275 -3.33 6.75 3.60
N TYR B 276 -2.46 6.83 4.61
CA TYR B 276 -1.03 6.59 4.50
C TYR B 276 -0.63 5.14 4.77
N LEU B 277 -1.58 4.30 5.27
CA LEU B 277 -1.39 2.89 5.63
C LEU B 277 -0.74 2.05 4.51
N TYR B 278 -1.13 2.27 3.24
CA TYR B 278 -0.59 1.54 2.10
C TYR B 278 0.86 1.96 1.80
N ILE B 279 1.13 3.29 1.81
CA ILE B 279 2.47 3.84 1.57
C ILE B 279 3.46 3.41 2.66
N ILE B 280 3.03 3.47 3.93
CA ILE B 280 3.83 3.13 5.11
C ILE B 280 4.13 1.60 5.21
N HIS B 281 3.25 0.75 4.67
CA HIS B 281 3.47 -0.70 4.69
C HIS B 281 4.53 -1.09 3.69
N LYS B 282 4.44 -0.55 2.45
CA LYS B 282 5.36 -0.78 1.34
C LYS B 282 6.72 -0.12 1.62
N GLN B 283 6.71 1.20 1.91
CA GLN B 283 7.92 1.95 2.24
C GLN B 283 7.98 2.11 3.74
N ALA B 284 9.05 1.60 4.37
CA ALA B 284 9.29 1.66 5.83
C ALA B 284 10.74 1.27 6.11
N PRO B 285 11.53 2.10 6.83
CA PRO B 285 11.15 3.38 7.46
C PRO B 285 11.30 4.63 6.58
N PRO B 286 10.69 5.78 6.95
CA PRO B 286 10.82 6.99 6.11
C PRO B 286 12.14 7.74 6.33
N LEU B 287 13.27 7.03 6.16
CA LEU B 287 14.63 7.57 6.32
C LEU B 287 14.93 8.75 5.37
N GLU B 288 14.18 8.85 4.25
CA GLU B 288 14.31 9.92 3.28
C GLU B 288 13.79 11.24 3.86
N ASP B 289 12.86 11.18 4.82
CA ASP B 289 12.29 12.36 5.48
C ASP B 289 13.24 13.02 6.50
N ILE B 290 14.38 12.35 6.85
CA ILE B 290 15.42 12.91 7.74
C ILE B 290 16.12 14.07 6.98
N ALA B 291 16.20 15.24 7.63
CA ALA B 291 16.78 16.45 7.04
C ALA B 291 18.29 16.32 6.73
N ASP B 292 18.78 17.10 5.75
CA ASP B 292 20.19 17.12 5.37
C ASP B 292 21.05 17.75 6.49
N ASP B 293 20.45 18.67 7.28
CA ASP B 293 21.10 19.39 8.40
C ASP B 293 21.50 18.45 9.54
N CYS B 294 20.75 17.35 9.72
CA CYS B 294 20.91 16.32 10.76
C CYS B 294 22.36 15.85 10.97
N SER B 295 22.75 15.74 12.26
CA SER B 295 24.09 15.28 12.68
C SER B 295 24.20 13.76 12.51
N PRO B 296 25.41 13.20 12.20
CA PRO B 296 25.53 11.73 12.04
C PRO B 296 25.17 10.92 13.29
N GLY B 297 25.38 11.50 14.47
CA GLY B 297 25.05 10.89 15.75
C GLY B 297 23.56 10.70 15.96
N MET B 298 22.78 11.79 15.72
CA MET B 298 21.32 11.79 15.83
C MET B 298 20.70 10.94 14.72
N ARG B 299 21.26 11.01 13.48
CA ARG B 299 20.81 10.23 12.33
C ARG B 299 20.93 8.73 12.59
N GLU B 300 22.00 8.30 13.29
CA GLU B 300 22.24 6.92 13.68
C GLU B 300 21.20 6.48 14.72
N LEU B 301 20.80 7.39 15.64
CA LEU B 301 19.78 7.16 16.67
C LEU B 301 18.40 7.04 16.04
N ILE B 302 18.05 7.97 15.12
CA ILE B 302 16.77 8.01 14.41
C ILE B 302 16.61 6.76 13.52
N GLU B 303 17.68 6.39 12.77
CA GLU B 303 17.69 5.21 11.91
C GLU B 303 17.61 3.90 12.72
N ALA B 304 18.24 3.86 13.93
CA ALA B 304 18.21 2.68 14.81
C ALA B 304 16.81 2.46 15.37
N SER B 305 16.15 3.54 15.84
CA SER B 305 14.80 3.52 16.39
C SER B 305 13.74 3.18 15.34
N LEU B 306 14.00 3.51 14.06
CA LEU B 306 13.08 3.26 12.94
C LEU B 306 13.30 1.90 12.24
N GLU B 307 14.21 1.04 12.75
CA GLU B 307 14.50 -0.31 12.22
C GLU B 307 13.19 -1.09 11.95
N ARG B 308 13.01 -1.61 10.73
CA ARG B 308 11.81 -2.36 10.34
C ARG B 308 11.58 -3.63 11.16
N ASN B 309 12.65 -4.43 11.39
CA ASN B 309 12.58 -5.67 12.16
C ASN B 309 12.50 -5.28 13.64
N PRO B 310 11.38 -5.60 14.35
CA PRO B 310 11.26 -5.20 15.78
C PRO B 310 12.32 -5.83 16.66
N ASN B 311 12.80 -7.03 16.28
CA ASN B 311 13.83 -7.77 17.01
C ASN B 311 15.18 -7.04 16.96
N HIS B 312 15.50 -6.40 15.82
CA HIS B 312 16.74 -5.65 15.65
C HIS B 312 16.66 -4.21 16.16
N ARG B 313 15.44 -3.71 16.42
CA ARG B 313 15.17 -2.35 16.95
C ARG B 313 15.61 -2.29 18.43
N PRO B 314 16.26 -1.20 18.91
CA PRO B 314 16.70 -1.17 20.31
C PRO B 314 15.61 -0.93 21.34
N ARG B 315 15.89 -1.34 22.60
CA ARG B 315 15.00 -1.10 23.74
C ARG B 315 15.22 0.36 24.17
N ALA B 316 14.28 0.92 24.97
CA ALA B 316 14.41 2.29 25.50
C ALA B 316 15.69 2.41 26.36
N ALA B 317 16.00 1.33 27.13
CA ALA B 317 17.19 1.22 27.98
C ALA B 317 18.48 1.24 27.16
N ASP B 318 18.46 0.59 25.98
CA ASP B 318 19.59 0.53 25.05
C ASP B 318 19.81 1.90 24.43
N LEU B 319 18.74 2.57 23.94
CA LEU B 319 18.83 3.89 23.32
C LEU B 319 19.32 4.96 24.26
N LEU B 320 19.04 4.84 25.58
CA LEU B 320 19.52 5.81 26.57
C LEU B 320 21.03 5.82 26.63
N LYS B 321 21.64 4.65 26.39
CA LYS B 321 23.09 4.44 26.38
C LYS B 321 23.76 4.93 25.08
N HIS B 322 22.98 5.27 24.03
CA HIS B 322 23.45 5.78 22.73
C HIS B 322 24.30 7.04 22.87
N GLU B 323 25.29 7.20 21.96
CA GLU B 323 26.24 8.31 21.91
C GLU B 323 25.56 9.67 21.73
N ALA B 324 24.49 9.72 20.93
CA ALA B 324 23.76 10.96 20.64
C ALA B 324 23.09 11.59 21.86
N LEU B 325 22.68 10.77 22.86
CA LEU B 325 21.99 11.21 24.08
C LEU B 325 22.90 11.48 25.27
N ASN B 326 23.85 10.56 25.53
CA ASN B 326 24.79 10.66 26.64
C ASN B 326 25.94 11.64 26.33
N PRO B 327 26.37 12.49 27.31
CA PRO B 327 27.45 13.44 27.01
C PRO B 327 28.84 12.80 27.05
N SER C 11 -18.60 -7.89 11.52
CA SER C 11 -17.24 -7.74 12.04
C SER C 11 -16.16 -8.18 11.04
N SER C 12 -16.57 -8.87 9.95
CA SER C 12 -15.68 -9.35 8.88
C SER C 12 -16.26 -9.04 7.49
N VAL C 13 -15.44 -9.18 6.42
CA VAL C 13 -15.89 -8.93 5.04
C VAL C 13 -16.16 -10.29 4.36
N ARG C 14 -17.41 -10.79 4.46
CA ARG C 14 -17.83 -12.07 3.89
C ARG C 14 -18.82 -11.91 2.71
N TYR C 15 -19.24 -13.05 2.11
CA TYR C 15 -20.23 -13.09 1.03
C TYR C 15 -21.61 -13.08 1.66
N GLY C 16 -22.54 -12.36 1.04
CA GLY C 16 -23.90 -12.23 1.53
C GLY C 16 -24.91 -11.89 0.47
N THR C 17 -26.19 -11.92 0.86
CA THR C 17 -27.33 -11.62 0.00
C THR C 17 -27.53 -10.10 -0.06
N VAL C 18 -28.47 -9.63 -0.88
CA VAL C 18 -28.81 -8.21 -1.03
C VAL C 18 -29.39 -7.71 0.29
N GLU C 19 -30.19 -8.57 0.95
CA GLU C 19 -30.81 -8.31 2.25
C GLU C 19 -29.77 -8.06 3.33
N ASP C 20 -28.62 -8.79 3.27
CA ASP C 20 -27.47 -8.67 4.17
C ASP C 20 -26.74 -7.35 3.92
N LEU C 21 -26.62 -6.96 2.63
CA LEU C 21 -25.95 -5.74 2.16
C LEU C 21 -26.75 -4.52 2.62
N LEU C 22 -28.07 -4.51 2.37
CA LEU C 22 -28.99 -3.44 2.74
C LEU C 22 -29.06 -3.23 4.27
N ALA C 23 -28.99 -4.35 5.03
CA ALA C 23 -29.00 -4.33 6.50
C ALA C 23 -27.72 -3.70 7.03
N PHE C 24 -26.58 -4.00 6.37
CA PHE C 24 -25.26 -3.47 6.71
C PHE C 24 -25.20 -1.96 6.44
N ALA C 25 -25.77 -1.53 5.29
CA ALA C 25 -25.83 -0.13 4.86
C ALA C 25 -26.58 0.74 5.87
N ASN C 26 -27.67 0.22 6.46
CA ASN C 26 -28.46 0.91 7.46
C ASN C 26 -27.74 0.98 8.81
N HIS C 27 -26.89 -0.02 9.10
CA HIS C 27 -26.09 -0.11 10.33
C HIS C 27 -24.92 0.87 10.29
N PRO C 40 -11.33 -0.66 14.76
CA PRO C 40 -10.64 -0.19 13.56
C PRO C 40 -10.44 -1.26 12.46
N GLN C 41 -11.21 -2.36 12.53
CA GLN C 41 -11.14 -3.43 11.52
C GLN C 41 -12.03 -3.12 10.29
N GLU C 42 -12.05 -4.03 9.28
CA GLU C 42 -12.88 -3.86 8.08
C GLU C 42 -14.04 -4.87 8.03
N SER C 43 -15.26 -4.35 7.85
CA SER C 43 -16.53 -5.09 7.78
C SER C 43 -17.30 -4.71 6.52
N GLY C 44 -18.02 -5.68 5.96
CA GLY C 44 -18.79 -5.48 4.74
C GLY C 44 -19.45 -6.73 4.18
N ILE C 45 -20.44 -6.51 3.31
CA ILE C 45 -21.16 -7.59 2.66
C ILE C 45 -20.83 -7.58 1.17
N LEU C 46 -20.32 -8.70 0.67
CA LEU C 46 -19.96 -8.89 -0.73
C LEU C 46 -21.13 -9.61 -1.42
N LEU C 47 -21.43 -9.25 -2.67
CA LEU C 47 -22.53 -9.82 -3.43
C LEU C 47 -22.05 -10.75 -4.55
N ASN C 48 -20.96 -10.36 -5.24
CA ASN C 48 -20.40 -11.12 -6.36
C ASN C 48 -19.16 -11.90 -5.95
N MET C 49 -19.04 -13.13 -6.49
CA MET C 49 -17.92 -14.06 -6.24
C MET C 49 -16.60 -13.56 -6.88
N VAL C 50 -16.67 -12.45 -7.66
CA VAL C 50 -15.54 -11.78 -8.32
C VAL C 50 -14.57 -11.17 -7.31
N ILE C 51 -15.08 -10.75 -6.13
CA ILE C 51 -14.27 -10.22 -5.03
C ILE C 51 -13.91 -11.42 -4.14
N THR C 52 -12.59 -11.71 -3.96
CA THR C 52 -12.12 -12.87 -3.19
C THR C 52 -11.65 -12.51 -1.76
N PRO C 53 -12.42 -12.86 -0.70
CA PRO C 53 -11.95 -12.56 0.66
C PRO C 53 -11.04 -13.66 1.22
N GLN C 54 -10.09 -13.27 2.08
CA GLN C 54 -9.16 -14.18 2.74
C GLN C 54 -9.19 -13.94 4.24
N ASN C 55 -9.76 -14.92 4.99
CA ASN C 55 -9.93 -14.92 6.45
C ASN C 55 -10.76 -13.69 6.92
N GLY C 56 -11.92 -13.51 6.29
CA GLY C 56 -12.87 -12.43 6.58
C GLY C 56 -12.33 -11.03 6.37
N ARG C 57 -11.38 -10.88 5.41
CA ARG C 57 -10.73 -9.61 5.10
C ARG C 57 -10.61 -9.40 3.60
N TYR C 58 -10.46 -8.12 3.20
CA TYR C 58 -10.27 -7.69 1.81
C TYR C 58 -9.41 -6.41 1.81
N GLN C 59 -8.11 -6.57 2.13
CA GLN C 59 -7.11 -5.50 2.25
C GLN C 59 -6.44 -5.18 0.92
N ILE C 60 -6.02 -3.91 0.74
CA ILE C 60 -5.30 -3.46 -0.46
C ILE C 60 -3.88 -4.00 -0.43
N ASP C 61 -3.34 -4.35 -1.63
CA ASP C 61 -1.99 -4.91 -1.87
C ASP C 61 -1.78 -6.33 -1.25
N SER C 62 -2.81 -6.87 -0.55
CA SER C 62 -2.80 -8.21 0.05
C SER C 62 -3.89 -9.11 -0.56
N ASP C 63 -5.12 -8.58 -0.70
CA ASP C 63 -6.26 -9.31 -1.27
C ASP C 63 -6.92 -8.58 -2.46
N VAL C 64 -6.71 -7.25 -2.58
CA VAL C 64 -7.24 -6.41 -3.68
C VAL C 64 -6.13 -5.61 -4.38
N LEU C 66 -5.30 0.26 -6.17
CA LEU C 66 -4.42 -0.80 -6.63
C LEU C 66 -3.82 -0.54 -8.02
N ILE C 67 -4.65 -0.28 -9.04
CA ILE C 67 -4.22 -0.04 -10.43
C ILE C 67 -4.66 1.35 -10.99
N PRO C 68 -3.87 2.02 -11.85
CA PRO C 68 -4.34 3.32 -12.38
C PRO C 68 -5.30 3.19 -13.56
N TRP C 69 -6.19 4.17 -13.71
CA TRP C 69 -7.15 4.29 -14.80
C TRP C 69 -6.37 4.70 -16.04
N LYS C 70 -6.88 4.38 -17.24
CA LYS C 70 -6.22 4.78 -18.47
C LYS C 70 -6.96 5.96 -19.09
N LEU C 71 -6.26 7.09 -19.28
CA LEU C 71 -6.83 8.27 -19.89
C LEU C 71 -6.51 8.20 -21.38
N THR C 72 -7.33 7.40 -22.10
CA THR C 72 -7.30 7.20 -23.55
C THR C 72 -7.68 8.53 -24.24
N TYR C 73 -7.26 8.72 -25.52
CA TYR C 73 -7.45 9.96 -26.30
C TYR C 73 -6.55 11.08 -25.71
N ARG C 74 -5.56 10.62 -24.92
CA ARG C 74 -4.50 11.34 -24.21
C ARG C 74 -3.44 10.27 -23.91
N ASN C 75 -2.23 10.66 -23.49
CA ASN C 75 -1.18 9.67 -23.24
C ASN C 75 -0.81 9.53 -21.75
N ILE C 76 -1.82 9.56 -20.84
CA ILE C 76 -1.51 9.44 -19.41
C ILE C 76 -2.50 8.53 -18.67
N GLY C 77 -2.23 8.34 -17.37
CA GLY C 77 -3.05 7.56 -16.46
C GLY C 77 -3.42 8.36 -15.24
N SER C 78 -4.42 7.89 -14.47
CA SER C 78 -4.87 8.56 -13.24
C SER C 78 -5.18 7.54 -12.16
N ASP C 79 -4.62 7.73 -10.95
CA ASP C 79 -4.84 6.84 -9.79
C ASP C 79 -6.32 6.80 -9.39
N PHE C 80 -6.97 7.98 -9.37
CA PHE C 80 -8.37 8.14 -9.02
C PHE C 80 -9.08 9.24 -9.80
N ILE C 81 -10.40 9.07 -10.03
CA ILE C 81 -11.25 10.07 -10.65
C ILE C 81 -12.04 10.81 -9.54
N PRO C 82 -11.90 12.15 -9.43
CA PRO C 82 -12.63 12.87 -8.38
C PRO C 82 -14.12 13.00 -8.66
N ARG C 83 -14.94 12.97 -7.59
CA ARG C 83 -16.39 13.13 -7.64
C ARG C 83 -16.93 13.82 -6.38
N GLY C 87 -17.32 11.16 -3.93
CA GLY C 87 -15.99 10.97 -3.36
C GLY C 87 -14.87 10.93 -4.38
N LYS C 88 -14.24 9.74 -4.53
CA LYS C 88 -13.13 9.46 -5.44
C LYS C 88 -13.26 8.01 -5.92
N VAL C 89 -13.21 7.78 -7.25
CA VAL C 89 -13.29 6.41 -7.79
C VAL C 89 -11.90 5.91 -8.22
N TYR C 90 -11.46 4.83 -7.59
CA TYR C 90 -10.19 4.15 -7.87
C TYR C 90 -10.47 2.95 -8.78
N LEU C 91 -9.38 2.35 -9.33
CA LEU C 91 -9.45 1.14 -10.14
C LEU C 91 -8.73 0.00 -9.40
N ALA C 92 -9.53 -0.92 -8.85
CA ALA C 92 -9.04 -2.07 -8.13
C ALA C 92 -9.07 -3.32 -9.01
N GLN C 93 -8.13 -4.24 -8.80
CA GLN C 93 -8.05 -5.50 -9.52
C GLN C 93 -7.89 -6.61 -8.47
N ASP C 94 -8.90 -7.50 -8.37
CA ASP C 94 -8.89 -8.63 -7.45
C ASP C 94 -7.75 -9.55 -7.87
N ILE C 95 -6.69 -9.64 -7.02
CA ILE C 95 -5.47 -10.43 -7.22
C ILE C 95 -5.75 -11.91 -7.63
N LYS C 96 -6.91 -12.46 -7.21
CA LYS C 96 -7.30 -13.84 -7.51
C LYS C 96 -7.97 -14.02 -8.89
N THR C 97 -9.21 -13.50 -9.08
CA THR C 97 -10.01 -13.68 -10.30
C THR C 97 -9.64 -12.74 -11.47
N LYS C 98 -8.75 -11.75 -11.24
CA LYS C 98 -8.27 -10.75 -12.22
C LYS C 98 -9.38 -9.80 -12.70
N LYS C 99 -10.54 -9.80 -12.00
CA LYS C 99 -11.68 -8.94 -12.33
C LYS C 99 -11.39 -7.51 -11.93
N ARG C 100 -11.29 -6.64 -12.94
CA ARG C 100 -11.07 -5.22 -12.77
C ARG C 100 -12.38 -4.59 -12.32
N MET C 101 -12.32 -3.84 -11.22
CA MET C 101 -13.48 -3.19 -10.60
C MET C 101 -13.21 -1.73 -10.29
N ALA C 102 -14.28 -0.94 -10.16
CA ALA C 102 -14.16 0.44 -9.76
C ALA C 102 -14.43 0.52 -8.26
N CYS C 103 -13.57 1.23 -7.52
CA CYS C 103 -13.71 1.36 -6.07
C CYS C 103 -14.03 2.79 -5.68
N LYS C 104 -15.31 3.08 -5.36
CA LYS C 104 -15.76 4.39 -4.93
C LYS C 104 -15.63 4.54 -3.41
N LEU C 105 -14.91 5.58 -2.98
CA LEU C 105 -14.70 5.86 -1.57
C LEU C 105 -15.62 7.02 -1.16
N ILE C 106 -16.61 6.72 -0.31
CA ILE C 106 -17.60 7.69 0.20
C ILE C 106 -17.45 7.74 1.73
N PRO C 107 -17.12 8.92 2.35
CA PRO C 107 -16.95 8.96 3.81
C PRO C 107 -18.24 8.66 4.57
N VAL C 108 -18.11 8.02 5.76
CA VAL C 108 -19.21 7.64 6.65
C VAL C 108 -20.19 8.79 6.90
N ASP C 109 -19.66 10.01 7.17
CA ASP C 109 -20.43 11.24 7.42
C ASP C 109 -21.34 11.60 6.25
N GLN C 110 -20.85 11.45 5.01
CA GLN C 110 -21.60 11.76 3.80
C GLN C 110 -22.27 10.53 3.18
N PHE C 111 -22.09 9.34 3.79
CA PHE C 111 -22.66 8.09 3.28
C PHE C 111 -24.18 7.99 3.45
N LYS C 112 -24.87 7.72 2.33
CA LYS C 112 -26.32 7.57 2.27
C LYS C 112 -26.69 6.16 1.80
N PRO C 113 -27.88 5.64 2.23
CA PRO C 113 -28.33 4.31 1.78
C PRO C 113 -28.62 4.23 0.27
N SER C 114 -28.94 5.38 -0.35
CA SER C 114 -29.23 5.55 -1.79
C SER C 114 -28.04 5.11 -2.64
N ASP C 115 -26.81 5.28 -2.11
CA ASP C 115 -25.54 4.92 -2.76
C ASP C 115 -25.38 3.41 -3.01
N VAL C 116 -26.17 2.57 -2.30
CA VAL C 116 -26.13 1.11 -2.43
C VAL C 116 -27.46 0.49 -2.83
N GLU C 117 -28.59 0.97 -2.24
CA GLU C 117 -29.96 0.47 -2.42
C GLU C 117 -30.40 0.22 -3.87
N ILE C 118 -30.24 1.22 -4.76
CA ILE C 118 -30.64 1.10 -6.17
C ILE C 118 -29.77 0.10 -6.94
N GLN C 119 -28.42 0.28 -6.88
CA GLN C 119 -27.43 -0.57 -7.56
C GLN C 119 -27.53 -2.05 -7.19
N ALA C 120 -27.60 -2.37 -5.88
CA ALA C 120 -27.68 -3.73 -5.35
C ALA C 120 -28.97 -4.47 -5.66
N CYS C 121 -30.14 -3.85 -5.40
CA CYS C 121 -31.44 -4.46 -5.64
C CYS C 121 -31.74 -4.70 -7.11
N PHE C 122 -31.45 -3.70 -7.96
CA PHE C 122 -31.79 -3.72 -9.38
C PHE C 122 -30.61 -3.89 -10.34
N ARG C 123 -30.53 -5.09 -10.97
CA ARG C 123 -29.49 -5.45 -11.92
C ARG C 123 -29.97 -5.34 -13.36
N HIS C 124 -29.17 -4.72 -14.22
CA HIS C 124 -29.44 -4.52 -15.65
C HIS C 124 -28.13 -4.26 -16.37
N GLU C 125 -28.06 -4.68 -17.64
CA GLU C 125 -26.89 -4.56 -18.52
C GLU C 125 -26.36 -3.14 -18.59
N ASN C 126 -27.25 -2.14 -18.47
CA ASN C 126 -26.91 -0.72 -18.61
C ASN C 126 -26.87 0.07 -17.27
N ILE C 127 -26.70 -0.66 -16.15
CA ILE C 127 -26.56 -0.12 -14.79
C ILE C 127 -25.33 -0.78 -14.17
N ALA C 128 -24.34 0.02 -13.68
CA ALA C 128 -23.09 -0.49 -13.12
C ALA C 128 -23.35 -1.35 -11.87
N GLU C 129 -23.10 -2.67 -12.01
CA GLU C 129 -23.35 -3.70 -10.99
C GLU C 129 -22.51 -3.49 -9.75
N LEU C 130 -23.17 -3.44 -8.56
CA LEU C 130 -22.48 -3.31 -7.27
C LEU C 130 -22.02 -4.71 -6.89
N TYR C 131 -20.70 -4.91 -6.78
CA TYR C 131 -20.11 -6.21 -6.44
C TYR C 131 -20.01 -6.43 -4.94
N GLY C 132 -19.76 -5.35 -4.18
CA GLY C 132 -19.65 -5.39 -2.73
C GLY C 132 -19.42 -4.02 -2.09
N ALA C 133 -19.63 -3.94 -0.78
CA ALA C 133 -19.46 -2.73 0.01
C ALA C 133 -18.61 -3.08 1.22
N VAL C 134 -17.50 -2.36 1.42
CA VAL C 134 -16.60 -2.61 2.54
C VAL C 134 -16.32 -1.31 3.30
N LEU C 135 -16.61 -1.31 4.62
CA LEU C 135 -16.37 -0.17 5.51
C LEU C 135 -15.03 -0.37 6.22
N TRP C 136 -14.10 0.57 6.02
CA TRP C 136 -12.77 0.53 6.64
C TRP C 136 -12.39 1.94 7.04
N GLY C 137 -12.19 2.12 8.34
CA GLY C 137 -11.87 3.42 8.92
C GLY C 137 -13.07 4.33 8.92
N GLU C 138 -12.93 5.51 8.30
CA GLU C 138 -14.00 6.50 8.21
C GLU C 138 -14.65 6.53 6.81
N THR C 139 -14.20 5.66 5.88
CA THR C 139 -14.71 5.62 4.51
C THR C 139 -15.37 4.29 4.13
N VAL C 140 -16.37 4.37 3.24
CA VAL C 140 -17.10 3.22 2.70
C VAL C 140 -16.60 2.99 1.27
N HIS C 141 -16.06 1.79 1.02
CA HIS C 141 -15.52 1.37 -0.29
C HIS C 141 -16.57 0.56 -1.05
N LEU C 142 -17.11 1.13 -2.12
CA LEU C 142 -18.11 0.45 -2.94
C LEU C 142 -17.44 -0.11 -4.20
N PHE C 143 -17.26 -1.43 -4.25
CA PHE C 143 -16.65 -2.14 -5.37
C PHE C 143 -17.75 -2.41 -6.40
N MET C 144 -17.54 -1.99 -7.66
CA MET C 144 -18.55 -2.14 -8.71
C MET C 144 -17.97 -2.32 -10.11
N GLU C 145 -18.84 -2.37 -11.13
CA GLU C 145 -18.48 -2.51 -12.55
C GLU C 145 -17.64 -1.33 -13.02
N ALA C 146 -16.45 -1.62 -13.55
CA ALA C 146 -15.46 -0.64 -14.03
C ALA C 146 -15.62 -0.22 -15.49
N GLY C 147 -16.01 1.04 -15.71
CA GLY C 147 -16.15 1.62 -17.04
C GLY C 147 -14.77 2.07 -17.49
N GLU C 148 -13.96 1.11 -17.95
CA GLU C 148 -12.56 1.32 -18.33
C GLU C 148 -12.34 2.30 -19.51
N GLY C 149 -13.36 2.44 -20.36
CA GLY C 149 -13.34 3.35 -21.50
C GLY C 149 -13.50 4.80 -21.08
N GLY C 150 -13.82 5.03 -19.82
CA GLY C 150 -14.00 6.35 -19.25
C GLY C 150 -15.42 6.84 -19.29
N SER C 151 -15.58 8.15 -19.10
CA SER C 151 -16.87 8.80 -19.14
C SER C 151 -17.02 9.49 -20.49
N VAL C 152 -18.25 9.97 -20.76
CA VAL C 152 -18.57 10.75 -21.96
C VAL C 152 -17.86 12.13 -21.79
N LEU C 153 -17.69 12.58 -20.53
CA LEU C 153 -17.00 13.82 -20.14
C LEU C 153 -15.55 13.86 -20.65
N GLU C 154 -14.77 12.77 -20.48
CA GLU C 154 -13.39 12.69 -20.96
C GLU C 154 -13.33 12.69 -22.50
N LYS C 155 -14.25 11.96 -23.18
CA LYS C 155 -14.31 11.93 -24.64
C LYS C 155 -14.69 13.32 -25.21
N LEU C 156 -15.76 13.94 -24.66
CA LEU C 156 -16.26 15.26 -25.05
C LEU C 156 -15.28 16.41 -24.74
N GLU C 157 -14.41 16.24 -23.72
CA GLU C 157 -13.37 17.22 -23.34
C GLU C 157 -12.08 17.04 -24.13
N SER C 158 -11.59 15.78 -24.27
CA SER C 158 -10.36 15.48 -25.00
C SER C 158 -10.52 15.41 -26.53
N CYS C 159 -11.74 15.23 -27.05
CA CYS C 159 -11.97 15.10 -28.50
C CYS C 159 -12.93 16.14 -29.09
N GLY C 160 -13.79 16.68 -28.23
CA GLY C 160 -14.78 17.69 -28.61
C GLY C 160 -16.16 17.13 -28.89
N PRO C 161 -16.73 17.57 -30.02
CA PRO C 161 -18.07 17.09 -30.41
C PRO C 161 -18.03 15.66 -30.93
N MET C 162 -18.90 14.80 -30.37
CA MET C 162 -19.01 13.37 -30.74
C MET C 162 -19.65 13.21 -32.12
N ARG C 163 -19.36 12.10 -32.82
CA ARG C 163 -20.00 11.78 -34.09
C ARG C 163 -21.40 11.28 -33.79
N GLU C 164 -22.38 11.61 -34.66
CA GLU C 164 -23.78 11.20 -34.50
C GLU C 164 -23.96 9.71 -34.17
N PHE C 165 -23.16 8.82 -34.80
CA PHE C 165 -23.23 7.38 -34.54
C PHE C 165 -22.91 7.04 -33.08
N GLU C 166 -21.81 7.57 -32.52
CA GLU C 166 -21.44 7.30 -31.14
C GLU C 166 -22.49 7.85 -30.17
N ILE C 167 -23.10 9.02 -30.52
CA ILE C 167 -24.19 9.65 -29.74
C ILE C 167 -25.35 8.64 -29.68
N ILE C 168 -25.83 8.16 -30.87
CA ILE C 168 -26.90 7.15 -31.02
C ILE C 168 -26.59 5.88 -30.23
N TRP C 169 -25.34 5.38 -30.32
CA TRP C 169 -24.84 4.20 -29.61
C TRP C 169 -24.94 4.37 -28.08
N VAL C 170 -24.49 5.54 -27.53
CA VAL C 170 -24.52 5.84 -26.10
C VAL C 170 -25.97 6.10 -25.63
N THR C 171 -26.67 7.05 -26.28
CA THR C 171 -28.08 7.39 -26.01
C THR C 171 -28.95 6.14 -25.95
N LYS C 172 -28.76 5.16 -26.86
CA LYS C 172 -29.51 3.90 -26.88
C LYS C 172 -29.27 3.05 -25.64
N HIS C 173 -28.02 3.02 -25.13
CA HIS C 173 -27.63 2.26 -23.94
C HIS C 173 -28.17 2.94 -22.69
N VAL C 174 -28.02 4.28 -22.59
CA VAL C 174 -28.51 5.11 -21.48
C VAL C 174 -30.05 5.09 -21.39
N LEU C 175 -30.74 5.01 -22.56
CA LEU C 175 -32.21 4.92 -22.63
C LEU C 175 -32.74 3.62 -22.07
N LYS C 176 -32.10 2.47 -22.43
CA LYS C 176 -32.43 1.12 -21.94
C LYS C 176 -32.33 1.06 -20.40
N GLY C 177 -31.29 1.72 -19.86
CA GLY C 177 -31.01 1.85 -18.42
C GLY C 177 -32.08 2.65 -17.70
N LEU C 178 -32.45 3.84 -18.26
CA LEU C 178 -33.53 4.69 -17.72
C LEU C 178 -34.88 4.00 -17.80
N ASP C 179 -35.20 3.32 -18.93
CA ASP C 179 -36.46 2.58 -19.08
C ASP C 179 -36.59 1.53 -17.98
N PHE C 180 -35.49 0.84 -17.65
CA PHE C 180 -35.44 -0.15 -16.57
C PHE C 180 -35.66 0.51 -15.21
N LEU C 181 -34.87 1.57 -14.88
CA LEU C 181 -34.98 2.29 -13.62
C LEU C 181 -36.38 2.87 -13.40
N HIS C 182 -36.96 3.49 -14.45
CA HIS C 182 -38.28 4.10 -14.39
C HIS C 182 -39.41 3.07 -14.28
N SER C 183 -39.17 1.81 -14.75
CA SER C 183 -40.12 0.71 -14.64
C SER C 183 -40.18 0.26 -13.17
N LYS C 184 -39.08 0.50 -12.42
CA LYS C 184 -38.92 0.21 -10.99
C LYS C 184 -39.28 1.48 -10.16
N LYS C 185 -39.82 2.52 -10.84
CA LYS C 185 -40.20 3.83 -10.30
C LYS C 185 -39.01 4.59 -9.65
N VAL C 186 -37.78 4.40 -10.22
CA VAL C 186 -36.54 4.99 -9.73
C VAL C 186 -36.12 6.23 -10.54
N ILE C 187 -36.06 7.41 -9.90
CA ILE C 187 -35.63 8.64 -10.54
C ILE C 187 -34.15 8.94 -10.24
N HIS C 188 -33.25 8.66 -11.21
CA HIS C 188 -31.79 8.90 -11.13
C HIS C 188 -31.58 10.41 -11.35
N HIS C 189 -31.59 11.20 -10.27
CA HIS C 189 -31.52 12.67 -10.35
C HIS C 189 -30.22 13.31 -10.92
N ASP C 190 -29.26 12.51 -11.44
CA ASP C 190 -28.01 13.10 -11.96
C ASP C 190 -27.54 12.52 -13.33
N ILE C 191 -28.44 12.49 -14.33
CA ILE C 191 -28.06 12.01 -15.67
C ILE C 191 -27.27 13.13 -16.35
N LYS C 192 -25.97 12.90 -16.54
CA LYS C 192 -25.02 13.85 -17.10
C LYS C 192 -23.89 13.07 -17.79
N PRO C 193 -23.06 13.68 -18.68
CA PRO C 193 -21.97 12.92 -19.32
C PRO C 193 -20.90 12.36 -18.38
N SER C 194 -20.76 12.91 -17.16
CA SER C 194 -19.80 12.41 -16.18
C SER C 194 -20.34 11.15 -15.51
N ASN C 195 -21.68 10.96 -15.52
CA ASN C 195 -22.33 9.79 -14.91
C ASN C 195 -22.71 8.72 -15.95
N ILE C 196 -22.12 8.83 -17.16
CA ILE C 196 -22.28 7.91 -18.28
C ILE C 196 -20.89 7.42 -18.64
N VAL C 197 -20.53 6.26 -18.10
CA VAL C 197 -19.23 5.63 -18.35
C VAL C 197 -19.42 4.53 -19.39
N PHE C 198 -18.32 4.02 -20.00
CA PHE C 198 -18.46 2.96 -21.00
C PHE C 198 -17.31 1.97 -21.02
N MET C 199 -17.58 0.80 -21.64
CA MET C 199 -16.68 -0.33 -21.85
C MET C 199 -16.58 -0.57 -23.37
N SER C 200 -16.01 -1.72 -23.80
CA SER C 200 -15.89 -2.06 -25.22
C SER C 200 -17.23 -2.42 -25.87
N THR C 201 -18.09 -3.18 -25.15
CA THR C 201 -19.38 -3.69 -25.64
C THR C 201 -20.61 -2.84 -25.28
N LYS C 202 -20.51 -1.99 -24.23
CA LYS C 202 -21.65 -1.21 -23.73
C LYS C 202 -21.28 0.05 -22.95
N ALA C 203 -22.31 0.72 -22.40
CA ALA C 203 -22.24 1.90 -21.51
C ALA C 203 -23.19 1.66 -20.32
N VAL C 204 -22.76 2.05 -19.10
CA VAL C 204 -23.51 1.93 -17.85
C VAL C 204 -23.70 3.31 -17.20
N LEU C 205 -24.67 3.43 -16.28
CA LEU C 205 -24.93 4.68 -15.54
C LEU C 205 -24.33 4.59 -14.14
N VAL C 206 -23.57 5.62 -13.75
CA VAL C 206 -22.90 5.71 -12.45
C VAL C 206 -23.57 6.80 -11.58
N ASP C 207 -23.23 6.86 -10.26
CA ASP C 207 -23.73 7.81 -9.24
C ASP C 207 -25.27 7.76 -9.05
N PHE C 208 -25.71 6.92 -8.11
CA PHE C 208 -27.12 6.75 -7.75
C PHE C 208 -27.39 7.43 -6.38
N GLY C 209 -26.43 8.26 -5.94
CA GLY C 209 -26.47 9.01 -4.69
C GLY C 209 -27.68 9.88 -4.49
N LEU C 210 -28.17 10.50 -5.58
CA LEU C 210 -29.34 11.38 -5.55
C LEU C 210 -30.61 10.68 -6.05
N SER C 211 -30.54 9.35 -6.30
CA SER C 211 -31.68 8.56 -6.79
C SER C 211 -32.80 8.42 -5.77
N VAL C 212 -34.02 8.10 -6.22
CA VAL C 212 -35.18 7.93 -5.32
C VAL C 212 -36.23 7.01 -5.92
N GLN C 213 -36.74 6.06 -5.12
CA GLN C 213 -37.82 5.16 -5.53
C GLN C 213 -39.13 5.84 -5.15
N MET C 214 -39.97 6.13 -6.15
CA MET C 214 -41.24 6.81 -5.98
C MET C 214 -42.28 5.96 -5.25
N GLU C 216 -45.45 7.39 -4.68
CA GLU C 216 -46.66 7.90 -5.34
C GLU C 216 -46.35 8.30 -6.79
N ASP C 217 -47.38 8.72 -7.54
CA ASP C 217 -47.27 9.13 -8.96
C ASP C 217 -46.42 10.40 -9.17
N VAL C 218 -46.33 11.25 -8.14
CA VAL C 218 -45.54 12.49 -8.13
C VAL C 218 -44.60 12.51 -6.92
N TYR C 219 -43.35 12.95 -7.14
CA TYR C 219 -42.35 13.06 -6.07
C TYR C 219 -42.21 14.52 -5.67
N PHE C 220 -42.33 14.80 -4.36
CA PHE C 220 -42.21 16.15 -3.81
C PHE C 220 -40.87 16.29 -3.08
N PRO C 221 -39.89 17.02 -3.67
CA PRO C 221 -38.57 17.12 -3.02
C PRO C 221 -38.49 18.12 -1.87
N LYS C 222 -37.60 17.84 -0.89
CA LYS C 222 -37.36 18.71 0.28
C LYS C 222 -36.23 19.72 -0.01
N ASP C 223 -35.32 19.36 -0.94
CA ASP C 223 -34.17 20.19 -1.35
C ASP C 223 -33.90 20.01 -2.85
N LEU C 224 -33.24 20.99 -3.51
CA LEU C 224 -32.90 20.93 -4.93
C LEU C 224 -31.77 19.91 -5.16
N ARG C 225 -32.02 18.93 -6.06
CA ARG C 225 -31.08 17.85 -6.35
C ARG C 225 -30.63 17.81 -7.80
N GLY C 226 -29.31 17.66 -8.00
CA GLY C 226 -28.71 17.53 -9.31
C GLY C 226 -27.68 18.57 -9.69
N THR C 227 -27.40 18.66 -11.00
CA THR C 227 -26.45 19.58 -11.60
C THR C 227 -27.27 20.61 -12.38
N GLU C 228 -27.13 21.91 -12.03
CA GLU C 228 -27.86 23.05 -12.59
C GLU C 228 -28.08 22.98 -14.10
N ILE C 229 -26.98 22.78 -14.87
CA ILE C 229 -26.94 22.73 -16.34
C ILE C 229 -27.91 21.73 -16.95
N TYR C 230 -28.05 20.55 -16.31
CA TYR C 230 -28.88 19.42 -16.75
C TYR C 230 -30.22 19.30 -16.03
N MET C 231 -30.51 20.21 -15.07
CA MET C 231 -31.77 20.21 -14.31
C MET C 231 -32.99 20.59 -15.16
N SER C 232 -34.10 19.85 -14.98
CA SER C 232 -35.38 20.07 -15.65
C SER C 232 -36.10 21.26 -15.00
N PRO C 233 -37.16 21.85 -15.64
CA PRO C 233 -37.86 22.98 -15.00
C PRO C 233 -38.60 22.62 -13.70
N GLU C 234 -39.20 21.41 -13.63
CA GLU C 234 -39.92 20.93 -12.46
C GLU C 234 -39.00 20.66 -11.26
N VAL C 235 -37.73 20.26 -11.53
CA VAL C 235 -36.70 20.01 -10.50
C VAL C 235 -36.22 21.34 -9.90
N ILE C 236 -36.12 22.40 -10.75
CA ILE C 236 -35.70 23.74 -10.32
C ILE C 236 -36.76 24.45 -9.49
N LEU C 237 -38.06 24.27 -9.85
CA LEU C 237 -39.22 24.87 -9.16
C LEU C 237 -39.50 24.25 -7.78
N CYS C 238 -39.09 22.97 -7.58
CA CYS C 238 -39.26 22.18 -6.34
C CYS C 238 -40.74 21.93 -5.95
N ARG C 239 -41.69 22.14 -6.87
CA ARG C 239 -43.12 21.91 -6.64
C ARG C 239 -43.54 20.44 -6.80
N GLY C 240 -42.81 19.68 -7.62
CA GLY C 240 -43.10 18.27 -7.86
C GLY C 240 -42.63 17.77 -9.21
N HIS C 241 -42.09 16.53 -9.25
CA HIS C 241 -41.59 15.89 -10.45
C HIS C 241 -41.62 14.36 -10.39
N SER C 242 -41.36 13.71 -11.54
CA SER C 242 -41.32 12.25 -11.67
C SER C 242 -40.09 11.84 -12.48
N THR C 243 -40.09 10.59 -12.99
CA THR C 243 -39.07 9.98 -13.83
C THR C 243 -38.75 10.81 -15.08
N LYS C 244 -39.71 11.66 -15.52
CA LYS C 244 -39.61 12.57 -16.67
C LYS C 244 -38.45 13.56 -16.54
N ALA C 245 -38.01 13.85 -15.29
CA ALA C 245 -36.89 14.73 -14.98
C ALA C 245 -35.59 14.22 -15.62
N ASP C 246 -35.39 12.89 -15.65
CA ASP C 246 -34.23 12.23 -16.23
C ASP C 246 -34.21 12.37 -17.76
N ILE C 247 -35.41 12.46 -18.39
CA ILE C 247 -35.55 12.61 -19.84
C ILE C 247 -35.00 13.96 -20.30
N TYR C 248 -35.32 15.05 -19.56
CA TYR C 248 -34.81 16.40 -19.83
C TYR C 248 -33.29 16.41 -19.67
N SER C 249 -32.77 15.81 -18.57
CA SER C 249 -31.34 15.70 -18.28
C SER C 249 -30.60 15.00 -19.41
N LEU C 250 -31.23 13.97 -20.02
CA LEU C 250 -30.68 13.23 -21.17
C LEU C 250 -30.63 14.15 -22.39
N GLY C 251 -31.66 14.98 -22.57
CA GLY C 251 -31.74 15.96 -23.65
C GLY C 251 -30.64 16.98 -23.54
N ALA C 252 -30.37 17.44 -22.31
CA ALA C 252 -29.30 18.38 -21.97
C ALA C 252 -27.94 17.70 -22.18
N THR C 253 -27.83 16.38 -21.84
CA THR C 253 -26.63 15.57 -22.03
C THR C 253 -26.37 15.42 -23.53
N LEU C 254 -27.45 15.24 -24.34
CA LEU C 254 -27.42 15.09 -25.80
C LEU C 254 -26.84 16.33 -26.47
N ILE C 255 -27.30 17.54 -26.08
CA ILE C 255 -26.81 18.82 -26.63
C ILE C 255 -25.34 19.04 -26.27
N HIS C 256 -24.88 18.50 -25.12
CA HIS C 256 -23.49 18.57 -24.68
C HIS C 256 -22.68 17.58 -25.54
N MET C 257 -23.20 16.36 -25.77
CA MET C 257 -22.55 15.33 -26.59
C MET C 257 -22.39 15.79 -28.03
N GLN C 258 -23.44 16.45 -28.58
CA GLN C 258 -23.52 16.96 -29.95
C GLN C 258 -22.57 18.15 -30.22
N THR C 259 -22.53 19.12 -29.30
CA THR C 259 -21.74 20.36 -29.44
C THR C 259 -20.34 20.30 -28.83
N GLY C 260 -20.14 19.44 -27.84
CA GLY C 260 -18.88 19.30 -27.11
C GLY C 260 -18.77 20.24 -25.93
N THR C 261 -19.82 21.05 -25.67
CA THR C 261 -19.87 22.04 -24.58
C THR C 261 -21.22 22.02 -23.84
N PRO C 262 -21.31 22.36 -22.51
CA PRO C 262 -22.63 22.39 -21.85
C PRO C 262 -23.58 23.44 -22.45
N PRO C 263 -24.92 23.15 -22.53
CA PRO C 263 -25.85 24.06 -23.22
C PRO C 263 -25.70 25.58 -23.00
N TRP C 264 -25.92 26.01 -21.75
CA TRP C 264 -25.93 27.39 -21.26
C TRP C 264 -24.57 28.06 -21.20
N VAL C 265 -23.50 27.28 -20.95
CA VAL C 265 -22.12 27.75 -20.79
C VAL C 265 -21.64 28.75 -21.88
N LYS C 266 -21.87 28.44 -23.18
CA LYS C 266 -21.47 29.28 -24.32
C LYS C 266 -22.21 30.61 -24.37
N ARG C 267 -23.55 30.59 -24.20
CA ARG C 267 -24.39 31.80 -24.20
C ARG C 267 -24.19 32.63 -22.93
N TYR C 268 -24.14 31.97 -21.76
CA TYR C 268 -23.97 32.60 -20.46
C TYR C 268 -22.69 32.14 -19.72
N PRO C 269 -21.53 32.78 -19.98
CA PRO C 269 -20.29 32.34 -19.30
C PRO C 269 -20.16 32.93 -17.89
N TYR C 273 -24.00 33.74 -15.30
CA TYR C 273 -22.64 33.36 -14.96
C TYR C 273 -22.52 32.68 -13.57
N PRO C 274 -22.84 33.33 -12.40
CA PRO C 274 -22.66 32.64 -11.10
C PRO C 274 -23.63 31.47 -10.83
N SER C 275 -24.91 31.64 -11.21
CA SER C 275 -25.96 30.63 -11.08
C SER C 275 -26.86 30.67 -12.30
N TYR C 276 -27.11 29.49 -12.87
CA TYR C 276 -27.91 29.32 -14.09
C TYR C 276 -29.40 29.07 -13.81
N LEU C 277 -29.78 28.89 -12.53
CA LEU C 277 -31.15 28.62 -12.06
C LEU C 277 -32.20 29.60 -12.60
N TYR C 278 -31.87 30.91 -12.64
CA TYR C 278 -32.74 31.96 -13.15
C TYR C 278 -32.89 31.90 -14.66
N ILE C 279 -31.77 31.65 -15.38
CA ILE C 279 -31.77 31.52 -16.84
C ILE C 279 -32.47 30.24 -17.30
N ILE C 280 -32.33 29.15 -16.53
CA ILE C 280 -32.96 27.85 -16.84
C ILE C 280 -34.47 27.87 -16.60
N HIS C 281 -34.96 28.72 -15.68
CA HIS C 281 -36.38 28.84 -15.37
C HIS C 281 -37.12 29.65 -16.43
N LYS C 282 -36.58 30.84 -16.77
CA LYS C 282 -37.13 31.77 -17.75
C LYS C 282 -37.00 31.22 -19.18
N GLN C 283 -35.78 30.83 -19.58
CA GLN C 283 -35.49 30.23 -20.89
C GLN C 283 -35.37 28.73 -20.68
N ALA C 284 -36.25 27.95 -21.33
CA ALA C 284 -36.30 26.48 -21.26
C ALA C 284 -37.22 25.96 -22.36
N PRO C 285 -36.75 25.04 -23.21
CA PRO C 285 -35.43 24.38 -23.23
C PRO C 285 -34.33 25.13 -24.00
N PRO C 286 -33.02 24.79 -23.81
CA PRO C 286 -31.97 25.51 -24.53
C PRO C 286 -31.78 25.01 -25.97
N LEU C 287 -32.87 25.03 -26.77
CA LEU C 287 -32.88 24.59 -28.18
C LEU C 287 -31.93 25.39 -29.07
N GLU C 288 -31.57 26.62 -28.64
CA GLU C 288 -30.64 27.50 -29.33
C GLU C 288 -29.21 26.94 -29.27
N ASP C 289 -28.90 26.17 -28.22
CA ASP C 289 -27.59 25.56 -28.02
C ASP C 289 -27.32 24.37 -28.96
N ILE C 290 -28.35 23.87 -29.69
CA ILE C 290 -28.21 22.78 -30.65
C ILE C 290 -27.48 23.33 -31.88
N CYS C 294 -25.98 19.40 -36.70
CA CYS C 294 -26.96 18.44 -36.21
C CYS C 294 -27.92 17.96 -37.30
N SER C 295 -28.18 16.64 -37.33
CA SER C 295 -29.09 16.00 -38.29
C SER C 295 -30.56 16.27 -37.90
N PRO C 296 -31.51 16.40 -38.87
CA PRO C 296 -32.92 16.67 -38.50
C PRO C 296 -33.57 15.59 -37.63
N GLY C 297 -33.11 14.35 -37.76
CA GLY C 297 -33.58 13.21 -36.99
C GLY C 297 -33.21 13.31 -35.52
N MET C 298 -31.91 13.60 -35.24
CA MET C 298 -31.40 13.78 -33.88
C MET C 298 -31.95 15.06 -33.25
N ARG C 299 -32.08 16.14 -34.04
CA ARG C 299 -32.63 17.43 -33.62
C ARG C 299 -34.07 17.28 -33.13
N GLU C 300 -34.86 16.41 -33.81
CA GLU C 300 -36.25 16.10 -33.45
C GLU C 300 -36.29 15.34 -32.13
N LEU C 301 -35.30 14.43 -31.90
CA LEU C 301 -35.16 13.63 -30.68
C LEU C 301 -34.74 14.48 -29.49
N ILE C 302 -33.67 15.30 -29.66
CA ILE C 302 -33.13 16.17 -28.60
C ILE C 302 -34.18 17.18 -28.12
N GLU C 303 -35.07 17.64 -29.03
CA GLU C 303 -36.17 18.58 -28.73
C GLU C 303 -37.34 17.86 -28.04
N ALA C 304 -37.58 16.57 -28.38
CA ALA C 304 -38.66 15.76 -27.80
C ALA C 304 -38.42 15.47 -26.31
N SER C 305 -37.14 15.26 -25.94
CA SER C 305 -36.70 14.98 -24.57
C SER C 305 -36.63 16.28 -23.77
N LEU C 306 -36.40 17.41 -24.43
CA LEU C 306 -36.28 18.69 -23.74
C LEU C 306 -37.61 19.42 -23.53
N GLU C 307 -38.77 18.79 -23.89
CA GLU C 307 -40.12 19.37 -23.76
C GLU C 307 -40.43 19.88 -22.36
N ARG C 308 -40.69 21.21 -22.20
CA ARG C 308 -40.92 21.89 -20.92
C ARG C 308 -42.01 21.24 -20.06
N ASN C 309 -43.16 20.90 -20.65
CA ASN C 309 -44.27 20.24 -19.95
C ASN C 309 -43.89 18.77 -19.76
N PRO C 310 -43.75 18.28 -18.50
CA PRO C 310 -43.33 16.87 -18.28
C PRO C 310 -44.31 15.85 -18.85
N ASN C 311 -45.61 16.22 -18.90
CA ASN C 311 -46.69 15.40 -19.44
C ASN C 311 -46.53 15.18 -20.94
N HIS C 312 -46.06 16.21 -21.67
CA HIS C 312 -45.84 16.14 -23.12
C HIS C 312 -44.47 15.54 -23.50
N ARG C 313 -43.53 15.45 -22.53
CA ARG C 313 -42.19 14.88 -22.71
C ARG C 313 -42.31 13.34 -22.87
N PRO C 314 -41.54 12.71 -23.79
CA PRO C 314 -41.67 11.25 -23.97
C PRO C 314 -41.00 10.40 -22.91
N ARG C 315 -41.49 9.16 -22.71
CA ARG C 315 -40.90 8.20 -21.77
C ARG C 315 -39.65 7.61 -22.42
N ALA C 316 -38.75 6.96 -21.64
CA ALA C 316 -37.54 6.32 -22.19
C ALA C 316 -37.93 5.23 -23.21
N ALA C 317 -39.03 4.49 -22.94
CA ALA C 317 -39.58 3.45 -23.79
C ALA C 317 -40.07 4.01 -25.12
N ASP C 318 -40.67 5.22 -25.08
CA ASP C 318 -41.17 5.93 -26.25
C ASP C 318 -39.99 6.42 -27.12
N LEU C 319 -38.96 7.05 -26.48
CA LEU C 319 -37.76 7.59 -27.10
C LEU C 319 -36.87 6.52 -27.76
N LEU C 320 -36.98 5.25 -27.33
CA LEU C 320 -36.25 4.13 -27.93
C LEU C 320 -36.86 3.77 -29.30
N LYS C 321 -38.17 4.00 -29.45
CA LYS C 321 -38.92 3.74 -30.67
C LYS C 321 -38.73 4.84 -31.73
N HIS C 322 -38.10 5.98 -31.37
CA HIS C 322 -37.83 7.12 -32.27
C HIS C 322 -36.98 6.71 -33.48
N GLU C 323 -37.21 7.40 -34.62
CA GLU C 323 -36.52 7.17 -35.90
C GLU C 323 -35.01 7.37 -35.82
N ALA C 324 -34.55 8.37 -35.04
CA ALA C 324 -33.13 8.69 -34.87
C ALA C 324 -32.30 7.56 -34.23
N LEU C 325 -32.92 6.75 -33.35
CA LEU C 325 -32.25 5.66 -32.63
C LEU C 325 -32.35 4.29 -33.31
N ASN C 326 -33.55 3.92 -33.79
CA ASN C 326 -33.80 2.64 -34.45
C ASN C 326 -33.34 2.64 -35.90
C1 49B D . 24.93 -26.98 -16.31
C2 49B D . 23.54 -26.80 -16.19
C3 49B D . 22.97 -25.66 -16.75
C11 49B D . 21.03 -31.95 -13.12
C12 49B D . 22.15 -32.37 -13.86
C13 49B D . 22.88 -31.45 -14.64
C14 49B D . 22.47 -30.10 -14.65
C15 49B D . 23.17 -29.15 -15.40
S 49B D . 20.18 -21.15 -17.98
C6 49B D . 21.61 -22.05 -18.26
N3 49B D . 22.67 -21.63 -18.89
N2 49B D . 23.61 -22.56 -18.65
O 49B D . 21.76 -23.31 -17.86
C5 49B D . 23.06 -23.54 -18.05
C4 49B D . 23.76 -24.77 -17.52
C 49B D . 25.16 -24.99 -17.57
N 49B D . 26.05 -24.17 -18.17
N1 49B D . 25.69 -26.09 -16.98
C7 49B D . 22.73 -27.80 -15.43
C9 49B D . 21.33 -29.67 -13.91
N4 49B D . 20.93 -28.37 -13.94
C8 49B D . 21.61 -27.44 -14.65
C10 49B D . 20.61 -30.60 -13.14
C1 49B E . -0.70 19.70 29.43
C2 49B E . -1.36 19.47 28.22
C3 49B E . -2.03 18.25 28.08
C11 49B E . -0.48 24.52 24.21
C12 49B E . -0.40 24.97 25.54
C13 49B E . -0.57 24.09 26.62
C14 49B E . -0.82 22.73 26.35
C15 49B E . -1.02 21.80 27.40
S 49B E . -4.70 13.73 26.61
C6 49B E . -3.92 14.56 27.88
N3 49B E . -3.76 14.14 29.11
N2 49B E . -3.07 15.11 29.75
O 49B E . -3.37 15.77 27.70
C5 49B E . -2.86 16.04 28.91
C4 49B E . -2.10 17.33 29.15
C 49B E . -1.46 17.67 30.36
N 49B E . -1.43 16.88 31.45
N1 49B E . -0.78 18.83 30.47
C7 49B E . -1.25 20.45 27.11
C9 49B E . -0.89 22.25 25.02
N4 49B E . -1.12 20.94 24.77
C8 49B E . -1.29 20.03 25.77
C10 49B E . -0.73 23.14 23.94
C1 49B F . -15.58 3.93 -13.99
C2 49B F . -15.58 5.28 -13.63
C3 49B F . -16.47 5.69 -12.62
C11 49B F . -11.40 8.60 -17.43
C12 49B F . -10.97 7.26 -17.36
C13 49B F . -11.68 6.33 -16.58
C14 49B F . -12.84 6.73 -15.88
C15 49B F . -13.59 5.82 -15.10
S 49B F . -20.03 7.92 -8.97
C6 49B F . -19.38 6.52 -9.68
N3 49B F . -19.68 5.30 -9.35
N2 49B F . -18.92 4.52 -10.12
O 49B F . -18.49 6.55 -10.67
C5 49B F . -18.24 5.26 -10.89
C4 49B F . -17.27 4.75 -11.94
C 49B F . -17.20 3.39 -12.33
N 49B F . -17.96 2.41 -11.77
N1 49B F . -16.33 3.02 -13.32
C7 49B F . -14.74 6.26 -14.40
C9 49B F . -13.27 8.08 -15.95
N4 49B F . -14.40 8.47 -15.29
C8 49B F . -15.12 7.61 -14.53
C10 49B F . -12.56 9.02 -16.72
#